data_3EZ1
#
_entry.id   3EZ1
#
_cell.length_a   62.720
_cell.length_b   103.969
_cell.length_c   73.815
_cell.angle_alpha   90.000
_cell.angle_beta   112.630
_cell.angle_gamma   90.000
#
_symmetry.space_group_name_H-M   'P 1 21 1'
#
loop_
_entity.id
_entity.type
_entity.pdbx_description
1 polymer 'Aminotransferase MocR family'
2 non-polymer 'PHOSPHATE ION'
3 water water
#
_entity_poly.entity_id   1
_entity_poly.type   'polypeptide(L)'
_entity_poly.pdbx_seq_one_letter_code
;G(MSE)TKEASRPALDLARQAYEAFKARGLNLN(MSE)QRGQPADADFDLSNGLLTVLGAEDVR(MSE)DGLDLRNYPGG
VAGLPSARALFAGYLDVKAENVLVWNNSSLELQGLVLTFALLHGVRGSTGPWLSQTPK(MSE)IVTVPGYDRHFLLLQTL
GFELLTVD(MSE)QSDGPDVDAVERLAGTDPSVKGILFVPTYSNPGGETISLEKARRLAGLQAAAPDFTIFADDAYRVHH
LVEEDRAEPVNFVVLARDAGYPDRAFVFASTSKITFAGAGLGFVASSEDNIRWLSKYLGAQSIGPNKVEQARHVKFLTEY
PGGLEGL(MSE)RDHAAIIAPKFRAVDEVLRAELGEGGEYATWTLPKGGYFISLDTAEPVADRVVKLAEAAGVSLTPAGA
TYPAGQDPHNRNLRLAPTRPPVEEVRTA(MSE)QVVAACIRLATEEYRAGH
;
_entity_poly.pdbx_strand_id   A,B
#
loop_
_chem_comp.id
_chem_comp.type
_chem_comp.name
_chem_comp.formula
PO4 non-polymer 'PHOSPHATE ION' 'O4 P -3'
#
# COMPACT_ATOMS: atom_id res chain seq x y z
N ALA A 6 4.04 -25.50 48.81
CA ALA A 6 5.36 -24.81 49.01
C ALA A 6 6.45 -25.81 49.38
N SER A 7 7.67 -25.56 48.89
CA SER A 7 8.82 -26.44 49.16
C SER A 7 10.16 -25.71 48.94
N ARG A 8 10.97 -25.60 50.01
CA ARG A 8 12.29 -24.94 49.95
C ARG A 8 13.35 -25.78 49.18
N PRO A 9 13.45 -27.12 49.42
CA PRO A 9 14.36 -27.96 48.60
C PRO A 9 14.08 -27.88 47.10
N ALA A 10 12.80 -27.87 46.71
CA ALA A 10 12.38 -27.73 45.29
C ALA A 10 12.80 -26.37 44.71
N LEU A 11 12.71 -25.32 45.52
CA LEU A 11 13.16 -23.96 45.12
C LEU A 11 14.67 -23.90 44.90
N ASP A 12 15.43 -24.64 45.70
CA ASP A 12 16.90 -24.73 45.55
C ASP A 12 17.29 -25.49 44.29
N LEU A 13 16.65 -26.63 44.04
CA LEU A 13 16.90 -27.45 42.83
C LEU A 13 16.58 -26.68 41.54
N ALA A 14 15.51 -25.88 41.57
CA ALA A 14 15.10 -25.02 40.45
C ALA A 14 16.08 -23.85 40.26
N ARG A 15 16.55 -23.27 41.37
CA ARG A 15 17.56 -22.19 41.36
C ARG A 15 18.88 -22.68 40.76
N GLN A 16 19.36 -23.83 41.25
CA GLN A 16 20.61 -24.45 40.75
C GLN A 16 20.54 -24.85 39.27
N ALA A 17 19.39 -25.37 38.84
CA ALA A 17 19.17 -25.74 37.43
C ALA A 17 19.16 -24.50 36.51
N TYR A 18 18.51 -23.43 36.96
CA TYR A 18 18.45 -22.14 36.25
C TYR A 18 19.84 -21.50 36.12
N GLU A 19 20.60 -21.53 37.22
CA GLU A 19 21.99 -21.01 37.24
C GLU A 19 22.93 -21.78 36.30
N ALA A 20 22.66 -23.07 36.10
CA ALA A 20 23.42 -23.91 35.14
C ALA A 20 23.24 -23.38 33.71
N PHE A 21 21.98 -23.12 33.33
CA PHE A 21 21.66 -22.55 31.99
C PHE A 21 22.18 -21.13 31.82
N LYS A 22 22.03 -20.28 32.85
CA LYS A 22 22.52 -18.89 32.83
C LYS A 22 24.05 -18.84 32.68
N ALA A 23 24.75 -19.77 33.34
CA ALA A 23 26.23 -19.89 33.26
C ALA A 23 26.78 -20.17 31.85
N ARG A 24 25.97 -20.78 30.97
CA ARG A 24 26.38 -21.01 29.57
C ARG A 24 26.56 -19.71 28.78
N GLY A 25 25.75 -18.69 29.10
CA GLY A 25 25.80 -17.40 28.42
C GLY A 25 25.20 -17.49 27.04
N LEU A 26 24.00 -18.06 26.96
CA LEU A 26 23.30 -18.30 25.68
C LEU A 26 22.79 -17.00 25.07
N ASN A 27 22.39 -17.09 23.80
CA ASN A 27 21.85 -15.96 23.04
C ASN A 27 20.83 -16.46 22.01
N LEU A 28 19.77 -17.09 22.53
CA LEU A 28 18.67 -17.68 21.74
C LEU A 28 17.41 -16.81 21.75
N ASN A 29 16.52 -17.08 20.78
CA ASN A 29 15.27 -16.34 20.61
C ASN A 29 14.12 -17.27 20.18
N MSE A 30 12.98 -17.13 20.86
CA MSE A 30 11.75 -17.92 20.62
C MSE A 30 10.49 -17.04 20.36
O MSE A 30 9.37 -17.54 20.48
CB MSE A 30 11.51 -18.83 21.85
CG MSE A 30 12.45 -20.03 21.95
SE MSE A 30 12.16 -21.40 20.58
CE MSE A 30 10.29 -21.78 20.90
N GLN A 31 10.68 -15.77 19.97
CA GLN A 31 9.55 -14.84 19.68
C GLN A 31 9.39 -14.39 18.22
N ARG A 32 10.40 -14.61 17.37
CA ARG A 32 10.33 -14.22 15.96
C ARG A 32 9.43 -15.21 15.21
N GLY A 33 8.29 -14.74 14.73
CA GLY A 33 7.36 -15.55 13.92
C GLY A 33 7.74 -15.44 12.46
N GLN A 34 8.96 -15.86 12.15
CA GLN A 34 9.58 -15.75 10.83
C GLN A 34 9.95 -17.15 10.30
N PRO A 35 9.77 -17.41 8.98
CA PRO A 35 10.29 -18.67 8.44
C PRO A 35 11.83 -18.73 8.44
N ALA A 36 12.39 -19.93 8.42
CA ALA A 36 13.86 -20.12 8.42
C ALA A 36 14.48 -19.82 7.05
N ASP A 37 15.82 -19.81 7.02
CA ASP A 37 16.60 -19.61 5.78
C ASP A 37 16.22 -20.64 4.71
N ALA A 38 16.10 -21.90 5.13
CA ALA A 38 15.70 -23.02 4.25
C ALA A 38 14.30 -22.86 3.67
N ASP A 39 13.38 -22.22 4.41
CA ASP A 39 11.99 -21.98 3.93
C ASP A 39 11.96 -21.01 2.75
N PHE A 40 12.77 -19.95 2.83
CA PHE A 40 12.88 -18.96 1.75
C PHE A 40 13.61 -19.52 0.53
N ASP A 41 14.59 -20.41 0.76
CA ASP A 41 15.35 -21.08 -0.33
C ASP A 41 14.46 -21.86 -1.31
N LEU A 42 13.33 -22.39 -0.81
CA LEU A 42 12.34 -23.11 -1.64
C LEU A 42 11.74 -22.22 -2.74
N SER A 43 11.68 -20.90 -2.50
CA SER A 43 11.12 -19.91 -3.44
C SER A 43 12.12 -19.00 -4.17
N ASN A 44 13.40 -19.37 -4.23
CA ASN A 44 14.42 -18.57 -4.97
C ASN A 44 14.15 -18.44 -6.48
N GLY A 45 13.44 -19.41 -7.05
CA GLY A 45 13.00 -19.37 -8.45
C GLY A 45 12.07 -18.21 -8.76
N LEU A 46 11.30 -17.76 -7.75
CA LEU A 46 10.39 -16.60 -7.85
C LEU A 46 11.11 -15.33 -8.33
N LEU A 47 12.34 -15.12 -7.84
CA LEU A 47 13.18 -13.95 -8.19
C LEU A 47 13.45 -13.80 -9.70
N THR A 48 13.70 -14.93 -10.39
CA THR A 48 14.00 -14.95 -11.84
C THR A 48 12.93 -15.66 -12.71
N VAL A 49 11.70 -15.83 -12.19
CA VAL A 49 10.63 -16.54 -12.90
C VAL A 49 10.15 -15.82 -14.18
N LEU A 50 10.13 -14.48 -14.16
CA LEU A 50 9.76 -13.64 -15.32
C LEU A 50 10.99 -13.01 -15.97
N GLY A 51 10.94 -12.85 -17.29
CA GLY A 51 12.00 -12.21 -18.09
C GLY A 51 11.41 -11.33 -19.19
N ALA A 52 12.23 -10.98 -20.18
CA ALA A 52 11.79 -10.14 -21.31
C ALA A 52 10.70 -10.82 -22.18
N GLU A 53 10.70 -12.15 -22.22
CA GLU A 53 9.71 -12.96 -22.96
C GLU A 53 8.36 -13.14 -22.22
N ASP A 54 8.36 -12.97 -20.90
CA ASP A 54 7.14 -13.16 -20.05
C ASP A 54 6.54 -11.82 -19.56
N VAL A 55 6.74 -10.76 -20.34
CA VAL A 55 6.27 -9.40 -20.00
C VAL A 55 4.74 -9.22 -20.03
N ARG A 56 4.06 -9.94 -20.95
CA ARG A 56 2.59 -9.86 -21.10
C ARG A 56 1.89 -11.02 -20.39
N MSE A 57 0.70 -10.76 -19.84
CA MSE A 57 -0.12 -11.79 -19.18
C MSE A 57 -1.58 -11.29 -19.05
O MSE A 57 -1.79 -10.13 -18.68
CB MSE A 57 0.43 -12.16 -17.79
CG MSE A 57 -0.02 -13.55 -17.31
SE MSE A 57 0.49 -14.02 -15.47
CE MSE A 57 -0.67 -12.90 -14.58
N ASP A 58 -2.55 -12.15 -19.37
CA ASP A 58 -4.00 -11.83 -19.35
C ASP A 58 -4.40 -10.68 -20.31
N GLY A 59 -3.75 -10.63 -21.47
CA GLY A 59 -3.97 -9.58 -22.47
C GLY A 59 -3.53 -8.19 -22.04
N LEU A 60 -2.62 -8.12 -21.04
CA LEU A 60 -2.11 -6.87 -20.47
C LEU A 60 -0.59 -6.90 -20.43
N ASP A 61 0.01 -5.72 -20.59
CA ASP A 61 1.46 -5.56 -20.46
C ASP A 61 1.66 -5.29 -18.96
N LEU A 62 2.40 -6.16 -18.28
CA LEU A 62 2.64 -6.05 -16.82
C LEU A 62 3.44 -4.80 -16.39
N ARG A 63 4.25 -4.26 -17.30
CA ARG A 63 5.06 -3.05 -17.04
C ARG A 63 4.30 -1.73 -17.19
N ASN A 64 3.06 -1.76 -17.69
CA ASN A 64 2.22 -0.57 -17.93
C ASN A 64 1.05 -0.48 -16.94
N TYR A 65 0.48 0.72 -16.81
CA TYR A 65 -0.66 1.00 -15.90
C TYR A 65 -1.97 0.18 -16.04
N PRO A 66 -2.49 0.00 -17.28
CA PRO A 66 -3.79 -0.70 -17.49
C PRO A 66 -3.90 -2.10 -16.85
N GLY A 67 -5.10 -2.42 -16.34
CA GLY A 67 -5.36 -3.71 -15.66
C GLY A 67 -6.43 -3.72 -14.57
N GLY A 68 -6.67 -2.57 -13.95
CA GLY A 68 -7.67 -2.42 -12.90
C GLY A 68 -7.07 -2.50 -11.49
N VAL A 69 -7.77 -1.86 -10.54
CA VAL A 69 -7.35 -1.80 -9.14
C VAL A 69 -7.38 -3.16 -8.43
N ALA A 70 -8.26 -4.04 -8.87
CA ALA A 70 -8.44 -5.36 -8.25
C ALA A 70 -7.34 -6.43 -8.48
N GLY A 71 -6.36 -6.14 -9.34
CA GLY A 71 -5.23 -7.06 -9.62
C GLY A 71 -5.37 -7.84 -10.92
N LEU A 72 -4.37 -8.68 -11.21
CA LEU A 72 -4.36 -9.53 -12.42
C LEU A 72 -5.48 -10.56 -12.41
N PRO A 73 -6.17 -10.77 -13.57
CA PRO A 73 -7.17 -11.84 -13.69
C PRO A 73 -6.67 -13.23 -13.25
N SER A 74 -5.43 -13.58 -13.62
CA SER A 74 -4.80 -14.84 -13.22
C SER A 74 -4.50 -14.90 -11.71
N ALA A 75 -4.09 -13.75 -11.15
CA ALA A 75 -3.86 -13.63 -9.70
C ALA A 75 -5.19 -13.79 -8.97
N ARG A 76 -6.22 -13.07 -9.45
CA ARG A 76 -7.60 -13.17 -8.92
C ARG A 76 -8.15 -14.60 -9.06
N ALA A 77 -7.88 -15.24 -10.20
CA ALA A 77 -8.30 -16.63 -10.45
C ALA A 77 -7.58 -17.68 -9.55
N LEU A 78 -6.27 -17.50 -9.35
CA LEU A 78 -5.46 -18.40 -8.52
C LEU A 78 -5.86 -18.32 -7.06
N PHE A 79 -5.90 -17.10 -6.52
CA PHE A 79 -6.32 -16.86 -5.13
C PHE A 79 -7.83 -17.01 -4.88
N ALA A 80 -8.63 -17.15 -5.95
CA ALA A 80 -10.05 -17.54 -5.86
C ALA A 80 -10.08 -18.99 -5.39
N GLY A 81 -9.29 -19.84 -6.05
CA GLY A 81 -9.12 -21.26 -5.69
C GLY A 81 -8.57 -21.46 -4.28
N TYR A 82 -7.64 -20.57 -3.88
CA TYR A 82 -7.06 -20.56 -2.53
C TYR A 82 -8.18 -20.38 -1.50
N LEU A 83 -8.97 -19.32 -1.67
CA LEU A 83 -10.10 -18.99 -0.75
C LEU A 83 -11.47 -19.65 -1.11
N ASP A 84 -11.48 -20.61 -2.05
CA ASP A 84 -12.70 -21.35 -2.47
C ASP A 84 -13.84 -20.45 -3.01
N VAL A 85 -13.47 -19.41 -3.75
CA VAL A 85 -14.41 -18.45 -4.35
C VAL A 85 -14.12 -18.31 -5.86
N LYS A 86 -14.77 -17.36 -6.51
CA LYS A 86 -14.59 -17.05 -7.93
C LYS A 86 -13.64 -15.85 -8.07
N ALA A 87 -13.19 -15.56 -9.30
CA ALA A 87 -12.28 -14.42 -9.56
C ALA A 87 -12.87 -13.06 -9.18
N GLU A 88 -14.17 -12.87 -9.43
CA GLU A 88 -14.92 -11.65 -9.06
C GLU A 88 -14.95 -11.31 -7.54
N ASN A 89 -14.82 -12.35 -6.71
CA ASN A 89 -14.80 -12.20 -5.24
C ASN A 89 -13.45 -11.76 -4.66
N VAL A 90 -12.35 -12.09 -5.35
CA VAL A 90 -10.98 -11.83 -4.87
C VAL A 90 -10.43 -10.47 -5.33
N LEU A 91 -9.57 -9.86 -4.51
CA LEU A 91 -8.83 -8.63 -4.85
C LEU A 91 -7.39 -8.82 -4.33
N VAL A 92 -6.42 -8.80 -5.24
CA VAL A 92 -4.99 -8.98 -4.89
C VAL A 92 -4.32 -7.60 -4.91
N TRP A 93 -3.62 -7.28 -3.80
CA TRP A 93 -2.93 -5.99 -3.63
C TRP A 93 -1.39 -6.19 -3.70
N ASN A 94 -0.60 -5.58 -2.80
CA ASN A 94 0.88 -5.64 -2.84
C ASN A 94 1.39 -6.69 -1.82
N ASN A 95 2.38 -6.36 -0.98
CA ASN A 95 3.07 -7.34 -0.11
C ASN A 95 2.50 -7.65 1.28
N SER A 96 1.38 -7.04 1.67
CA SER A 96 0.86 -7.20 3.05
C SER A 96 -0.66 -7.39 3.18
N SER A 97 -1.04 -8.46 3.88
CA SER A 97 -2.44 -8.74 4.24
C SER A 97 -2.89 -7.80 5.36
N LEU A 98 -1.99 -7.51 6.32
CA LEU A 98 -2.27 -6.58 7.42
C LEU A 98 -2.55 -5.16 6.90
N GLU A 99 -1.86 -4.76 5.83
CA GLU A 99 -2.08 -3.47 5.13
C GLU A 99 -3.48 -3.44 4.51
N LEU A 100 -3.85 -4.53 3.83
CA LEU A 100 -5.16 -4.64 3.18
C LEU A 100 -6.32 -4.63 4.21
N GLN A 101 -6.08 -5.15 5.42
CA GLN A 101 -7.03 -5.07 6.54
C GLN A 101 -7.09 -3.62 7.05
N GLY A 102 -5.93 -2.98 7.20
CA GLY A 102 -5.83 -1.58 7.60
C GLY A 102 -6.48 -0.61 6.61
N LEU A 103 -6.40 -0.92 5.32
CA LEU A 103 -7.06 -0.12 4.27
C LEU A 103 -8.58 -0.28 4.35
N VAL A 104 -9.05 -1.53 4.43
CA VAL A 104 -10.49 -1.84 4.53
C VAL A 104 -11.14 -1.25 5.81
N LEU A 105 -10.46 -1.39 6.95
CA LEU A 105 -10.92 -0.82 8.24
C LEU A 105 -10.95 0.73 8.23
N THR A 106 -9.98 1.34 7.55
CA THR A 106 -9.91 2.81 7.41
C THR A 106 -11.04 3.33 6.51
N PHE A 107 -11.31 2.63 5.40
CA PHE A 107 -12.41 3.00 4.49
C PHE A 107 -13.79 2.89 5.17
N ALA A 108 -13.94 1.87 6.03
CA ALA A 108 -15.14 1.71 6.87
C ALA A 108 -15.28 2.88 7.85
N LEU A 109 -14.17 3.35 8.42
CA LEU A 109 -14.17 4.51 9.33
C LEU A 109 -14.48 5.84 8.62
N LEU A 110 -13.80 6.09 7.49
CA LEU A 110 -13.99 7.33 6.71
C LEU A 110 -15.30 7.39 5.92
N HIS A 111 -15.72 6.26 5.35
CA HIS A 111 -16.90 6.19 4.44
C HIS A 111 -18.05 5.26 4.82
N GLY A 112 -17.75 4.18 5.55
CA GLY A 112 -18.75 3.18 5.94
C GLY A 112 -18.73 2.07 4.90
N VAL A 113 -19.04 0.84 5.31
CA VAL A 113 -19.09 -0.31 4.38
C VAL A 113 -20.36 -0.24 3.51
N ARG A 114 -20.49 -1.19 2.58
CA ARG A 114 -21.59 -1.24 1.60
C ARG A 114 -23.00 -0.99 2.16
N GLY A 115 -23.37 -1.72 3.22
CA GLY A 115 -24.70 -1.61 3.85
C GLY A 115 -24.82 -0.64 5.02
N SER A 116 -23.87 0.29 5.15
CA SER A 116 -23.83 1.25 6.28
C SER A 116 -24.75 2.45 6.08
N THR A 117 -25.19 2.99 7.21
CA THR A 117 -26.00 4.21 7.27
C THR A 117 -25.14 5.46 7.50
N GLY A 118 -23.86 5.26 7.86
CA GLY A 118 -22.90 6.36 8.05
C GLY A 118 -21.48 5.85 8.23
N PRO A 119 -20.48 6.78 8.31
CA PRO A 119 -19.11 6.35 8.55
C PRO A 119 -18.96 5.80 9.98
N TRP A 120 -18.23 4.70 10.13
CA TRP A 120 -18.00 4.05 11.44
C TRP A 120 -17.34 4.96 12.48
N LEU A 121 -16.44 5.85 12.04
CA LEU A 121 -15.70 6.80 12.91
C LEU A 121 -16.56 7.67 13.83
N SER A 122 -17.71 8.15 13.31
CA SER A 122 -18.65 8.99 14.07
C SER A 122 -19.75 8.20 14.80
N GLN A 123 -19.51 6.91 15.06
CA GLN A 123 -20.47 6.00 15.72
C GLN A 123 -19.88 5.29 16.96
N THR A 124 -18.76 5.80 17.50
CA THR A 124 -18.03 5.22 18.67
C THR A 124 -17.85 3.70 18.48
N PRO A 125 -17.15 3.29 17.41
CA PRO A 125 -17.14 1.89 17.00
C PRO A 125 -16.35 0.94 17.89
N LYS A 126 -16.94 -0.24 18.15
CA LYS A 126 -16.29 -1.34 18.87
C LYS A 126 -16.00 -2.45 17.86
N MSE A 127 -14.95 -3.23 18.14
CA MSE A 127 -14.56 -4.38 17.33
C MSE A 127 -14.33 -5.57 18.27
O MSE A 127 -13.52 -5.46 19.19
CB MSE A 127 -13.30 -4.10 16.51
CG MSE A 127 -12.87 -5.20 15.55
SE MSE A 127 -14.13 -5.55 14.11
CE MSE A 127 -13.97 -3.88 13.17
N ILE A 128 -15.02 -6.67 18.03
CA ILE A 128 -14.90 -7.87 18.84
C ILE A 128 -13.60 -8.58 18.46
N VAL A 129 -12.77 -8.90 19.45
CA VAL A 129 -11.49 -9.60 19.22
C VAL A 129 -11.44 -10.87 20.07
N THR A 130 -10.61 -11.82 19.64
CA THR A 130 -10.46 -13.11 20.31
C THR A 130 -9.22 -13.10 21.21
N VAL A 131 -9.35 -13.63 22.44
CA VAL A 131 -8.25 -13.68 23.41
C VAL A 131 -8.03 -15.12 23.96
N PRO A 132 -6.78 -15.64 23.94
CA PRO A 132 -5.51 -15.03 23.47
C PRO A 132 -5.50 -14.88 21.94
N GLY A 133 -5.02 -13.71 21.48
CA GLY A 133 -4.99 -13.36 20.06
C GLY A 133 -3.69 -12.75 19.57
N TYR A 134 -3.77 -12.07 18.43
CA TYR A 134 -2.62 -11.47 17.73
C TYR A 134 -2.42 -10.01 18.11
N ASP A 135 -1.23 -9.68 18.65
CA ASP A 135 -0.87 -8.33 19.11
C ASP A 135 -1.00 -7.21 18.07
N ARG A 136 -0.72 -7.53 16.80
CA ARG A 136 -0.81 -6.54 15.71
C ARG A 136 -2.26 -6.19 15.34
N HIS A 137 -3.18 -7.14 15.50
CA HIS A 137 -4.62 -6.88 15.29
C HIS A 137 -5.13 -5.86 16.30
N PHE A 138 -4.71 -6.00 17.56
CA PHE A 138 -5.12 -5.09 18.65
C PHE A 138 -4.52 -3.69 18.44
N LEU A 139 -3.23 -3.63 18.08
CA LEU A 139 -2.54 -2.37 17.80
C LEU A 139 -3.18 -1.63 16.62
N LEU A 140 -3.43 -2.35 15.53
CA LEU A 140 -4.06 -1.78 14.31
C LEU A 140 -5.46 -1.21 14.59
N LEU A 141 -6.31 -1.99 15.27
CA LEU A 141 -7.68 -1.57 15.61
C LEU A 141 -7.70 -0.38 16.59
N GLN A 142 -6.85 -0.41 17.60
CA GLN A 142 -6.72 0.70 18.57
C GLN A 142 -6.13 1.96 17.94
N THR A 143 -5.20 1.79 16.98
CA THR A 143 -4.62 2.92 16.24
C THR A 143 -5.71 3.61 15.41
N LEU A 144 -6.49 2.81 14.68
CA LEU A 144 -7.60 3.30 13.84
C LEU A 144 -8.80 3.92 14.59
N GLY A 145 -8.92 3.68 15.90
CA GLY A 145 -9.98 4.28 16.76
C GLY A 145 -11.03 3.36 17.33
N PHE A 146 -10.88 2.04 17.18
CA PHE A 146 -11.85 1.06 17.71
C PHE A 146 -11.60 0.75 19.18
N GLU A 147 -12.67 0.39 19.89
CA GLU A 147 -12.60 -0.07 21.27
C GLU A 147 -12.72 -1.60 21.22
N LEU A 148 -11.74 -2.31 21.78
CA LEU A 148 -11.71 -3.77 21.75
C LEU A 148 -12.56 -4.41 22.86
N LEU A 149 -13.51 -5.25 22.46
CA LEU A 149 -14.35 -6.04 23.37
C LEU A 149 -13.88 -7.47 23.15
N THR A 150 -13.28 -8.06 24.18
CA THR A 150 -12.68 -9.40 24.09
C THR A 150 -13.68 -10.53 24.34
N VAL A 151 -13.50 -11.65 23.62
CA VAL A 151 -14.24 -12.91 23.78
C VAL A 151 -13.19 -14.02 23.87
N ASP A 152 -13.44 -15.03 24.70
CA ASP A 152 -12.47 -16.12 24.88
C ASP A 152 -12.43 -17.09 23.71
N MSE A 153 -11.23 -17.53 23.35
CA MSE A 153 -11.04 -18.58 22.33
C MSE A 153 -11.30 -19.92 23.00
O MSE A 153 -10.76 -20.18 24.08
CB MSE A 153 -9.62 -18.60 21.75
CG MSE A 153 -9.32 -17.60 20.66
SE MSE A 153 -10.33 -17.88 18.99
CE MSE A 153 -9.93 -19.73 18.63
N GLN A 154 -12.12 -20.75 22.35
CA GLN A 154 -12.36 -22.12 22.79
C GLN A 154 -11.56 -23.02 21.85
N SER A 155 -11.53 -24.31 22.15
CA SER A 155 -10.76 -25.31 21.38
C SER A 155 -11.10 -25.39 19.89
N ASP A 156 -12.39 -25.26 19.56
CA ASP A 156 -12.90 -25.35 18.17
C ASP A 156 -13.30 -24.00 17.53
N GLY A 157 -12.73 -22.90 18.02
CA GLY A 157 -13.03 -21.53 17.54
C GLY A 157 -13.37 -20.57 18.67
N PRO A 158 -13.75 -19.31 18.33
CA PRO A 158 -14.13 -18.33 19.36
C PRO A 158 -15.44 -18.66 20.10
N ASP A 159 -15.65 -18.02 21.25
CA ASP A 159 -16.87 -18.19 22.06
C ASP A 159 -17.99 -17.40 21.34
N VAL A 160 -18.71 -18.10 20.47
CA VAL A 160 -19.80 -17.53 19.66
C VAL A 160 -20.98 -17.03 20.52
N ASP A 161 -21.23 -17.66 21.69
CA ASP A 161 -22.28 -17.20 22.63
C ASP A 161 -21.95 -15.79 23.13
N ALA A 162 -20.69 -15.55 23.45
CA ALA A 162 -20.20 -14.22 23.86
C ALA A 162 -20.29 -13.20 22.71
N VAL A 163 -19.98 -13.64 21.49
CA VAL A 163 -20.05 -12.81 20.28
C VAL A 163 -21.48 -12.34 19.98
N GLU A 164 -22.46 -13.24 20.11
CA GLU A 164 -23.89 -12.91 19.92
C GLU A 164 -24.41 -11.90 20.95
N ARG A 165 -24.00 -12.09 22.21
CA ARG A 165 -24.37 -11.21 23.31
C ARG A 165 -23.78 -9.80 23.12
N LEU A 166 -22.52 -9.71 22.69
CA LEU A 166 -21.85 -8.42 22.43
C LEU A 166 -22.36 -7.69 21.16
N ALA A 167 -22.73 -8.46 20.13
CA ALA A 167 -23.24 -7.92 18.85
C ALA A 167 -24.77 -7.77 18.75
N GLY A 168 -25.53 -8.41 19.64
CA GLY A 168 -27.00 -8.43 19.59
C GLY A 168 -27.78 -7.14 19.84
N THR A 169 -27.42 -6.41 20.89
CA THR A 169 -28.13 -5.19 21.32
C THR A 169 -27.60 -3.88 20.71
N ASP A 170 -26.30 -3.65 20.88
CA ASP A 170 -25.64 -2.38 20.50
C ASP A 170 -25.24 -2.29 19.01
N PRO A 171 -25.81 -1.30 18.25
CA PRO A 171 -25.35 -1.10 16.84
C PRO A 171 -23.89 -0.58 16.72
N SER A 172 -23.36 0.00 17.80
CA SER A 172 -21.96 0.46 17.88
C SER A 172 -20.94 -0.66 17.69
N VAL A 173 -21.30 -1.90 18.06
CA VAL A 173 -20.44 -3.07 17.86
C VAL A 173 -20.52 -3.42 16.36
N LYS A 174 -19.47 -3.05 15.61
CA LYS A 174 -19.42 -3.20 14.15
C LYS A 174 -18.85 -4.48 13.55
N GLY A 175 -18.30 -5.37 14.37
CA GLY A 175 -17.75 -6.61 13.82
C GLY A 175 -16.94 -7.50 14.73
N ILE A 176 -16.29 -8.48 14.09
CA ILE A 176 -15.38 -9.42 14.74
C ILE A 176 -14.13 -9.54 13.84
N LEU A 177 -12.95 -9.58 14.44
CA LEU A 177 -11.67 -9.73 13.73
C LEU A 177 -10.87 -10.87 14.39
N PHE A 178 -10.70 -11.98 13.67
CA PHE A 178 -9.99 -13.17 14.18
C PHE A 178 -9.38 -14.02 13.07
N VAL A 179 -8.68 -15.09 13.47
CA VAL A 179 -8.01 -16.03 12.55
C VAL A 179 -8.74 -17.39 12.61
N PRO A 180 -9.53 -17.73 11.55
CA PRO A 180 -10.32 -18.99 11.56
C PRO A 180 -9.59 -20.33 11.34
N THR A 181 -8.32 -20.33 10.92
CA THR A 181 -7.54 -21.57 10.67
C THR A 181 -6.15 -21.44 11.30
N TYR A 182 -5.84 -22.30 12.27
CA TYR A 182 -4.56 -22.29 13.00
C TYR A 182 -4.29 -20.89 13.59
N SER A 183 -5.16 -20.46 14.48
CA SER A 183 -5.14 -19.11 15.06
C SER A 183 -3.85 -18.75 15.82
N ASN A 184 -3.54 -17.45 15.84
CA ASN A 184 -2.36 -16.91 16.54
C ASN A 184 -2.84 -16.48 17.92
N PRO A 185 -2.29 -17.06 19.02
CA PRO A 185 -1.25 -18.10 19.18
C PRO A 185 -1.71 -19.55 19.41
N GLY A 186 -2.98 -19.77 19.75
CA GLY A 186 -3.49 -21.09 20.12
C GLY A 186 -3.58 -22.21 19.09
N GLY A 187 -3.56 -21.85 17.81
CA GLY A 187 -3.64 -22.83 16.72
C GLY A 187 -5.00 -23.50 16.54
N GLU A 188 -6.07 -22.84 16.98
CA GLU A 188 -7.43 -23.37 16.89
C GLU A 188 -8.01 -23.03 15.51
N THR A 189 -8.71 -24.00 14.92
CA THR A 189 -9.41 -23.83 13.64
C THR A 189 -10.89 -23.76 13.98
N ILE A 190 -11.63 -22.83 13.36
CA ILE A 190 -13.07 -22.67 13.64
C ILE A 190 -13.87 -23.86 13.09
N SER A 191 -14.83 -24.35 13.89
CA SER A 191 -15.69 -25.46 13.49
C SER A 191 -16.75 -24.95 12.50
N LEU A 192 -17.32 -25.88 11.74
CA LEU A 192 -18.32 -25.54 10.73
C LEU A 192 -19.57 -24.90 11.34
N GLU A 193 -20.12 -25.50 12.41
CA GLU A 193 -21.31 -24.93 13.09
C GLU A 193 -21.05 -23.55 13.71
N LYS A 194 -19.85 -23.32 14.28
CA LYS A 194 -19.48 -22.00 14.81
C LYS A 194 -19.33 -20.97 13.68
N ALA A 195 -18.73 -21.41 12.55
CA ALA A 195 -18.58 -20.58 11.35
C ALA A 195 -19.94 -20.21 10.75
N ARG A 196 -20.83 -21.20 10.64
CA ARG A 196 -22.22 -20.98 10.16
C ARG A 196 -23.00 -20.05 11.09
N ARG A 197 -22.80 -20.23 12.40
CA ARG A 197 -23.47 -19.42 13.43
C ARG A 197 -22.99 -17.97 13.44
N LEU A 198 -21.69 -17.74 13.22
CA LEU A 198 -21.15 -16.37 13.07
C LEU A 198 -21.68 -15.71 11.80
N ALA A 199 -21.74 -16.47 10.70
CA ALA A 199 -22.25 -15.98 9.40
C ALA A 199 -23.72 -15.53 9.42
N GLY A 200 -24.53 -16.09 10.33
CA GLY A 200 -25.97 -15.75 10.45
C GLY A 200 -26.48 -15.28 11.80
N LEU A 201 -25.62 -14.72 12.65
CA LEU A 201 -26.03 -14.20 13.97
C LEU A 201 -26.86 -12.92 13.86
N GLN A 202 -27.80 -12.72 14.79
CA GLN A 202 -28.63 -11.51 14.81
C GLN A 202 -27.81 -10.35 15.38
N ALA A 203 -27.15 -9.62 14.49
CA ALA A 203 -26.35 -8.44 14.87
C ALA A 203 -27.24 -7.21 14.85
N ALA A 204 -27.09 -6.34 15.85
CA ALA A 204 -27.87 -5.09 15.95
C ALA A 204 -27.56 -4.14 14.79
N ALA A 205 -26.27 -3.94 14.52
CA ALA A 205 -25.83 -3.10 13.40
C ALA A 205 -26.09 -3.87 12.10
N PRO A 206 -26.81 -3.24 11.12
CA PRO A 206 -27.09 -3.95 9.85
C PRO A 206 -25.84 -4.16 8.97
N ASP A 207 -24.80 -3.36 9.24
CA ASP A 207 -23.50 -3.43 8.56
C ASP A 207 -22.43 -4.21 9.36
N PHE A 208 -22.85 -5.16 10.21
CA PHE A 208 -21.94 -6.00 11.02
C PHE A 208 -21.07 -6.81 10.07
N THR A 209 -19.75 -6.75 10.27
CA THR A 209 -18.77 -7.36 9.35
C THR A 209 -17.80 -8.33 10.04
N ILE A 210 -17.57 -9.49 9.41
CA ILE A 210 -16.62 -10.50 9.90
C ILE A 210 -15.31 -10.32 9.14
N PHE A 211 -14.25 -9.93 9.87
CA PHE A 211 -12.91 -9.73 9.32
C PHE A 211 -12.07 -10.99 9.58
N ALA A 212 -12.24 -11.98 8.71
CA ALA A 212 -11.53 -13.27 8.83
C ALA A 212 -10.10 -13.18 8.27
N ASP A 213 -9.12 -12.99 9.15
CA ASP A 213 -7.70 -12.97 8.76
C ASP A 213 -7.26 -14.43 8.68
N ASP A 214 -7.51 -15.05 7.51
CA ASP A 214 -7.18 -16.47 7.30
C ASP A 214 -5.73 -16.57 6.81
N ALA A 215 -4.80 -16.19 7.69
CA ALA A 215 -3.36 -16.13 7.41
C ALA A 215 -2.64 -17.47 7.30
N TYR A 216 -3.25 -18.53 7.87
CA TYR A 216 -2.68 -19.89 7.85
C TYR A 216 -3.66 -20.92 7.27
N ARG A 217 -4.31 -20.58 6.15
CA ARG A 217 -5.33 -21.47 5.52
C ARG A 217 -4.78 -22.81 5.03
N VAL A 218 -3.64 -22.77 4.32
CA VAL A 218 -2.98 -23.96 3.75
C VAL A 218 -1.66 -24.34 4.46
N HIS A 219 -1.40 -23.74 5.62
CA HIS A 219 -0.13 -23.90 6.36
C HIS A 219 -0.20 -25.09 7.31
N HIS A 220 -0.29 -26.29 6.73
CA HIS A 220 -0.44 -27.55 7.49
C HIS A 220 0.93 -28.15 7.83
N LEU A 221 1.06 -28.65 9.06
CA LEU A 221 2.29 -29.33 9.53
C LEU A 221 2.13 -30.87 9.68
N VAL A 222 0.92 -31.40 9.47
CA VAL A 222 0.63 -32.85 9.55
C VAL A 222 0.02 -33.33 8.23
N GLU A 223 0.34 -34.57 7.82
CA GLU A 223 -0.16 -35.16 6.55
C GLU A 223 -1.66 -35.47 6.62
N GLU A 224 -2.02 -36.46 7.43
CA GLU A 224 -3.42 -36.85 7.66
C GLU A 224 -3.94 -36.08 8.88
N ASP A 225 -5.28 -36.02 9.00
CA ASP A 225 -5.97 -35.32 10.09
C ASP A 225 -5.70 -33.81 10.13
N ARG A 226 -5.78 -33.17 8.96
CA ARG A 226 -5.59 -31.72 8.81
C ARG A 226 -6.85 -30.95 9.21
N ALA A 227 -6.69 -29.63 9.36
CA ALA A 227 -7.82 -28.73 9.62
C ALA A 227 -8.49 -28.47 8.28
N GLU A 228 -9.83 -28.44 8.28
CA GLU A 228 -10.62 -28.16 7.08
C GLU A 228 -11.12 -26.73 7.23
N PRO A 229 -10.58 -25.77 6.41
CA PRO A 229 -11.06 -24.39 6.54
C PRO A 229 -12.50 -24.18 6.05
N VAL A 230 -13.17 -23.18 6.61
CA VAL A 230 -14.55 -22.81 6.26
C VAL A 230 -14.56 -21.62 5.30
N ASN A 231 -15.62 -21.53 4.49
CA ASN A 231 -15.79 -20.46 3.49
C ASN A 231 -16.83 -19.44 3.97
N PHE A 232 -16.36 -18.37 4.63
CA PHE A 232 -17.27 -17.30 5.12
C PHE A 232 -18.03 -16.55 4.04
N VAL A 233 -17.46 -16.44 2.83
CA VAL A 233 -18.11 -15.77 1.70
C VAL A 233 -19.36 -16.56 1.27
N VAL A 234 -19.25 -17.89 1.21
CA VAL A 234 -20.37 -18.77 0.88
C VAL A 234 -21.37 -18.86 2.06
N LEU A 235 -20.84 -19.04 3.28
CA LEU A 235 -21.68 -19.11 4.50
C LEU A 235 -22.47 -17.83 4.77
N ALA A 236 -21.83 -16.67 4.60
CA ALA A 236 -22.52 -15.37 4.77
C ALA A 236 -23.61 -15.16 3.70
N ARG A 237 -23.31 -15.54 2.45
CA ARG A 237 -24.25 -15.44 1.32
C ARG A 237 -25.49 -16.30 1.56
N ASP A 238 -25.26 -17.57 1.94
CA ASP A 238 -26.35 -18.52 2.25
C ASP A 238 -27.14 -18.11 3.50
N ALA A 239 -26.49 -17.42 4.44
CA ALA A 239 -27.13 -16.90 5.66
C ALA A 239 -28.05 -15.68 5.44
N GLY A 240 -27.89 -14.99 4.30
CA GLY A 240 -28.67 -13.79 3.96
C GLY A 240 -27.95 -12.46 4.17
N TYR A 241 -26.66 -12.53 4.56
CA TYR A 241 -25.80 -11.35 4.76
C TYR A 241 -24.59 -11.51 3.83
N PRO A 242 -24.78 -11.39 2.50
CA PRO A 242 -23.68 -11.60 1.54
C PRO A 242 -22.49 -10.65 1.72
N ASP A 243 -22.75 -9.42 2.16
CA ASP A 243 -21.72 -8.38 2.39
C ASP A 243 -21.02 -8.44 3.77
N ARG A 244 -21.35 -9.43 4.60
CA ARG A 244 -20.78 -9.56 5.95
C ARG A 244 -19.29 -9.96 5.98
N ALA A 245 -18.92 -10.99 5.23
CA ALA A 245 -17.56 -11.56 5.27
C ALA A 245 -16.49 -10.88 4.40
N PHE A 246 -15.34 -10.58 5.02
CA PHE A 246 -14.12 -10.12 4.36
C PHE A 246 -13.06 -11.13 4.78
N VAL A 247 -12.74 -12.08 3.89
CA VAL A 247 -11.77 -13.14 4.18
C VAL A 247 -10.38 -12.77 3.62
N PHE A 248 -9.50 -12.33 4.52
CA PHE A 248 -8.13 -11.95 4.15
C PHE A 248 -7.19 -13.17 4.14
N ALA A 249 -6.08 -13.04 3.43
CA ALA A 249 -5.07 -14.11 3.31
C ALA A 249 -3.72 -13.56 2.84
N SER A 250 -2.67 -14.38 2.94
CA SER A 250 -1.30 -13.95 2.64
C SER A 250 -0.38 -15.06 2.09
N THR A 251 0.60 -14.64 1.28
CA THR A 251 1.66 -15.50 0.74
C THR A 251 2.98 -15.28 1.53
N SER A 252 2.94 -14.50 2.62
CA SER A 252 4.14 -14.14 3.42
C SER A 252 4.88 -15.34 4.02
N LYS A 253 4.13 -16.36 4.44
CA LYS A 253 4.71 -17.60 4.98
C LYS A 253 4.57 -18.76 3.96
N ILE A 254 4.55 -18.41 2.68
CA ILE A 254 4.45 -19.33 1.54
C ILE A 254 5.65 -19.12 0.57
N THR A 255 5.85 -17.87 0.14
CA THR A 255 6.98 -17.49 -0.74
C THR A 255 8.04 -16.74 0.08
N PHE A 256 7.90 -15.42 0.25
CA PHE A 256 8.83 -14.60 1.04
C PHE A 256 8.07 -13.76 2.08
N ALA A 257 8.63 -13.61 3.28
CA ALA A 257 8.02 -12.83 4.36
C ALA A 257 8.31 -11.35 4.12
N GLY A 258 7.30 -10.60 3.73
CA GLY A 258 7.44 -9.16 3.39
C GLY A 258 7.60 -8.87 1.90
N ALA A 259 7.89 -9.91 1.09
CA ALA A 259 8.01 -9.82 -0.37
C ALA A 259 6.99 -10.76 -1.06
N GLY A 260 5.90 -11.08 -0.36
CA GLY A 260 4.84 -11.95 -0.86
C GLY A 260 3.69 -11.15 -1.46
N LEU A 261 2.47 -11.62 -1.27
CA LEU A 261 1.24 -10.99 -1.78
C LEU A 261 0.14 -11.00 -0.73
N GLY A 262 -0.53 -9.85 -0.56
CA GLY A 262 -1.67 -9.69 0.33
C GLY A 262 -2.93 -9.60 -0.51
N PHE A 263 -3.98 -10.31 -0.10
CA PHE A 263 -5.25 -10.35 -0.83
C PHE A 263 -6.46 -10.60 0.06
N VAL A 264 -7.65 -10.31 -0.45
CA VAL A 264 -8.93 -10.46 0.28
C VAL A 264 -10.03 -11.02 -0.60
N ALA A 265 -10.88 -11.87 -0.03
CA ALA A 265 -12.05 -12.43 -0.68
C ALA A 265 -13.29 -11.87 0.01
N SER A 266 -14.27 -11.44 -0.77
CA SER A 266 -15.55 -10.92 -0.26
C SER A 266 -16.59 -10.93 -1.39
N SER A 267 -17.81 -10.46 -1.12
CA SER A 267 -18.86 -10.40 -2.16
C SER A 267 -18.45 -9.47 -3.30
N GLU A 268 -18.91 -9.77 -4.51
CA GLU A 268 -18.59 -8.97 -5.72
C GLU A 268 -18.91 -7.48 -5.54
N ASP A 269 -20.00 -7.19 -4.82
CA ASP A 269 -20.40 -5.82 -4.52
C ASP A 269 -19.41 -5.15 -3.55
N ASN A 270 -18.93 -5.89 -2.54
CA ASN A 270 -17.90 -5.39 -1.60
C ASN A 270 -16.57 -5.07 -2.29
N ILE A 271 -16.18 -5.89 -3.28
CA ILE A 271 -14.96 -5.65 -4.06
C ILE A 271 -15.09 -4.35 -4.87
N ARG A 272 -16.28 -4.06 -5.41
CA ARG A 272 -16.56 -2.81 -6.13
C ARG A 272 -16.45 -1.61 -5.17
N TRP A 273 -16.97 -1.77 -3.95
CA TRP A 273 -16.86 -0.73 -2.88
C TRP A 273 -15.38 -0.49 -2.53
N LEU A 274 -14.64 -1.57 -2.28
CA LEU A 274 -13.20 -1.51 -1.96
C LEU A 274 -12.38 -0.94 -3.12
N SER A 275 -12.72 -1.36 -4.34
CA SER A 275 -12.08 -0.88 -5.58
C SER A 275 -12.24 0.63 -5.82
N LYS A 276 -13.34 1.20 -5.34
CA LYS A 276 -13.58 2.65 -5.45
C LYS A 276 -12.54 3.43 -4.63
N TYR A 277 -12.39 3.08 -3.35
CA TYR A 277 -11.48 3.80 -2.44
C TYR A 277 -9.99 3.49 -2.67
N LEU A 278 -9.66 2.27 -3.09
CA LEU A 278 -8.27 1.93 -3.49
C LEU A 278 -7.93 2.71 -4.78
N GLY A 279 -8.87 2.72 -5.73
CA GLY A 279 -8.75 3.46 -7.00
C GLY A 279 -8.57 4.97 -6.87
N ALA A 280 -9.19 5.56 -5.84
CA ALA A 280 -9.07 6.99 -5.55
C ALA A 280 -7.65 7.40 -5.11
N GLN A 281 -6.91 6.47 -4.50
CA GLN A 281 -5.54 6.71 -4.03
C GLN A 281 -4.47 5.84 -4.73
N SER A 282 -4.80 5.14 -5.81
CA SER A 282 -3.84 4.30 -6.54
C SER A 282 -4.31 3.91 -7.94
N ILE A 283 -3.39 3.89 -8.91
CA ILE A 283 -3.71 3.45 -10.29
C ILE A 283 -3.92 1.92 -10.32
N GLY A 284 -3.22 1.21 -9.44
CA GLY A 284 -3.34 -0.25 -9.31
C GLY A 284 -2.20 -0.85 -8.49
N PRO A 285 -2.27 -2.16 -8.20
CA PRO A 285 -1.23 -2.83 -7.43
C PRO A 285 -0.07 -3.27 -8.33
N ASN A 286 1.01 -3.79 -7.72
CA ASN A 286 2.18 -4.26 -8.45
C ASN A 286 1.78 -5.52 -9.21
N LYS A 287 1.64 -5.33 -10.52
CA LYS A 287 1.15 -6.35 -11.44
C LYS A 287 2.27 -7.35 -11.82
N VAL A 288 3.52 -6.91 -11.75
CA VAL A 288 4.69 -7.75 -12.05
C VAL A 288 4.91 -8.78 -10.94
N GLU A 289 4.79 -8.36 -9.68
CA GLU A 289 4.91 -9.27 -8.51
C GLU A 289 3.81 -10.34 -8.47
N GLN A 290 2.58 -9.94 -8.81
CA GLN A 290 1.45 -10.87 -8.91
C GLN A 290 1.67 -11.91 -10.01
N ALA A 291 2.25 -11.47 -11.14
CA ALA A 291 2.58 -12.37 -12.26
C ALA A 291 3.67 -13.40 -11.87
N ARG A 292 4.68 -12.95 -11.10
CA ARG A 292 5.75 -13.85 -10.60
C ARG A 292 5.17 -14.95 -9.70
N HIS A 293 4.27 -14.57 -8.78
CA HIS A 293 3.60 -15.53 -7.88
C HIS A 293 2.70 -16.53 -8.61
N VAL A 294 1.99 -16.06 -9.66
CA VAL A 294 1.11 -16.93 -10.45
C VAL A 294 1.95 -17.97 -11.22
N LYS A 295 3.00 -17.48 -11.89
CA LYS A 295 3.88 -18.35 -12.70
C LYS A 295 4.70 -19.33 -11.84
N PHE A 296 5.23 -18.86 -10.71
CA PHE A 296 6.02 -19.72 -9.80
C PHE A 296 5.19 -20.83 -9.15
N LEU A 297 4.06 -20.46 -8.56
CA LEU A 297 3.17 -21.42 -7.86
C LEU A 297 2.49 -22.45 -8.78
N THR A 298 2.16 -22.04 -10.01
CA THR A 298 1.58 -22.94 -11.02
C THR A 298 2.64 -23.97 -11.49
N GLU A 299 3.87 -23.49 -11.70
CA GLU A 299 5.01 -24.33 -12.14
C GLU A 299 5.78 -25.08 -11.05
N TYR A 300 5.39 -24.92 -9.77
CA TYR A 300 6.11 -25.59 -8.65
C TYR A 300 5.81 -27.11 -8.63
N PRO A 301 6.80 -27.96 -8.27
CA PRO A 301 6.51 -29.41 -8.18
C PRO A 301 5.51 -29.73 -7.07
N GLY A 302 4.33 -30.24 -7.47
CA GLY A 302 3.24 -30.55 -6.55
C GLY A 302 2.29 -29.39 -6.27
N GLY A 303 2.46 -28.26 -6.97
CA GLY A 303 1.62 -27.08 -6.80
C GLY A 303 1.88 -26.35 -5.49
N LEU A 304 0.86 -25.64 -5.00
CA LEU A 304 0.93 -24.89 -3.72
C LEU A 304 1.03 -25.86 -2.54
N GLU A 305 0.22 -26.94 -2.57
CA GLU A 305 0.25 -27.99 -1.54
C GLU A 305 1.62 -28.68 -1.43
N GLY A 306 2.35 -28.78 -2.54
CA GLY A 306 3.71 -29.31 -2.56
C GLY A 306 4.68 -28.38 -1.84
N LEU A 307 4.52 -27.07 -2.04
CA LEU A 307 5.35 -26.05 -1.38
C LEU A 307 5.12 -26.01 0.14
N MSE A 308 3.85 -26.14 0.55
CA MSE A 308 3.49 -26.16 1.99
C MSE A 308 3.97 -27.43 2.68
O MSE A 308 4.28 -27.40 3.88
CB MSE A 308 1.98 -26.00 2.18
CG MSE A 308 1.36 -24.73 1.60
SE MSE A 308 2.25 -23.07 2.10
CE MSE A 308 3.66 -23.05 0.93
N ARG A 309 4.02 -28.53 1.94
CA ARG A 309 4.54 -29.80 2.44
C ARG A 309 6.07 -29.72 2.62
N ASP A 310 6.75 -28.94 1.77
CA ASP A 310 8.21 -28.69 1.87
C ASP A 310 8.54 -27.78 3.06
N HIS A 311 7.70 -26.76 3.29
CA HIS A 311 7.81 -25.90 4.50
C HIS A 311 7.55 -26.74 5.77
N ALA A 312 6.57 -27.65 5.70
CA ALA A 312 6.24 -28.57 6.81
C ALA A 312 7.44 -29.47 7.19
N ALA A 313 8.19 -29.92 6.19
CA ALA A 313 9.41 -30.74 6.40
C ALA A 313 10.48 -30.01 7.23
N ILE A 314 10.54 -28.68 7.09
CA ILE A 314 11.46 -27.80 7.84
C ILE A 314 10.84 -27.38 9.17
N ILE A 315 9.57 -26.97 9.15
CA ILE A 315 8.85 -26.43 10.32
C ILE A 315 8.36 -27.47 11.37
N ALA A 316 7.68 -28.53 10.92
CA ALA A 316 7.10 -29.56 11.82
C ALA A 316 8.06 -30.12 12.88
N PRO A 317 9.31 -30.50 12.51
CA PRO A 317 10.30 -30.99 13.50
C PRO A 317 10.67 -30.00 14.62
N LYS A 318 10.52 -28.70 14.36
CA LYS A 318 10.75 -27.63 15.36
C LYS A 318 9.58 -27.62 16.38
N PHE A 319 8.35 -27.83 15.88
CA PHE A 319 7.13 -27.94 16.73
C PHE A 319 7.19 -29.16 17.66
N ARG A 320 7.59 -30.30 17.10
CA ARG A 320 7.75 -31.54 17.90
C ARG A 320 8.83 -31.42 18.97
N ALA A 321 9.92 -30.71 18.65
CA ALA A 321 11.00 -30.44 19.63
C ALA A 321 10.50 -29.62 20.83
N VAL A 322 9.59 -28.67 20.58
CA VAL A 322 8.99 -27.85 21.65
C VAL A 322 8.11 -28.72 22.57
N ASP A 323 7.35 -29.65 21.97
CA ASP A 323 6.49 -30.59 22.71
C ASP A 323 7.30 -31.62 23.52
N GLU A 324 8.34 -32.19 22.89
CA GLU A 324 9.19 -33.21 23.53
C GLU A 324 9.96 -32.71 24.76
N VAL A 325 10.58 -31.53 24.64
CA VAL A 325 11.34 -30.91 25.73
C VAL A 325 10.43 -30.47 26.89
N LEU A 326 9.26 -29.95 26.56
CA LEU A 326 8.33 -29.42 27.55
C LEU A 326 7.60 -30.56 28.31
N ARG A 327 7.30 -31.67 27.64
CA ARG A 327 6.70 -32.86 28.31
C ARG A 327 7.69 -33.55 29.26
N ALA A 328 8.94 -33.69 28.82
CA ALA A 328 10.01 -34.35 29.60
C ALA A 328 10.43 -33.60 30.88
N GLU A 329 10.42 -32.27 30.83
CA GLU A 329 10.85 -31.42 31.95
C GLU A 329 9.73 -30.96 32.90
N LEU A 330 8.53 -30.70 32.36
CA LEU A 330 7.36 -30.26 33.15
C LEU A 330 6.28 -31.33 33.39
N GLY A 331 6.40 -32.51 32.76
CA GLY A 331 5.44 -33.59 32.91
C GLY A 331 4.19 -33.42 32.06
N GLU A 332 3.31 -34.42 32.12
CA GLU A 332 2.06 -34.46 31.34
C GLU A 332 0.78 -34.12 32.12
N GLY A 333 0.84 -34.11 33.46
CA GLY A 333 -0.30 -33.77 34.31
C GLY A 333 -0.65 -32.30 34.46
N GLY A 334 0.16 -31.40 33.89
CA GLY A 334 -0.09 -29.94 33.97
C GLY A 334 0.19 -29.31 35.32
N GLU A 335 1.28 -29.74 35.97
CA GLU A 335 1.66 -29.25 37.30
CA GLU A 335 1.66 -29.25 37.30
C GLU A 335 2.24 -27.83 37.20
N TYR A 336 3.16 -27.64 36.27
CA TYR A 336 3.82 -26.35 36.03
C TYR A 336 3.18 -25.56 34.91
N ALA A 337 2.76 -26.25 33.83
CA ALA A 337 2.12 -25.60 32.68
C ALA A 337 1.40 -26.57 31.73
N THR A 338 0.45 -26.03 30.96
CA THR A 338 -0.27 -26.73 29.90
C THR A 338 0.00 -25.94 28.61
N TRP A 339 -0.03 -26.63 27.46
CA TRP A 339 0.25 -26.00 26.16
C TRP A 339 -0.39 -26.69 24.95
N THR A 340 -0.50 -25.94 23.85
CA THR A 340 -1.13 -26.42 22.62
C THR A 340 -0.18 -27.26 21.76
N LEU A 341 -0.75 -28.26 21.09
CA LEU A 341 -0.03 -29.14 20.15
C LEU A 341 -0.76 -28.93 18.81
N PRO A 342 -0.54 -27.76 18.16
CA PRO A 342 -1.28 -27.44 16.94
C PRO A 342 -0.91 -28.30 15.74
N LYS A 343 -1.87 -28.47 14.83
CA LYS A 343 -1.69 -29.25 13.61
C LYS A 343 -1.12 -28.39 12.47
N GLY A 344 -1.09 -27.06 12.66
CA GLY A 344 -0.55 -26.11 11.67
C GLY A 344 -0.36 -24.70 12.23
N GLY A 345 -0.06 -23.75 11.36
CA GLY A 345 0.19 -22.36 11.76
C GLY A 345 1.64 -22.14 12.16
N TYR A 346 1.91 -21.00 12.82
CA TYR A 346 3.28 -20.57 13.19
C TYR A 346 3.58 -20.38 14.69
N PHE A 347 2.65 -20.73 15.58
CA PHE A 347 2.83 -20.52 17.04
C PHE A 347 2.33 -21.64 17.96
N ILE A 348 2.82 -21.60 19.20
CA ILE A 348 2.40 -22.49 20.29
C ILE A 348 2.01 -21.57 21.46
N SER A 349 0.87 -21.88 22.09
CA SER A 349 0.35 -21.13 23.24
C SER A 349 0.60 -21.94 24.50
N LEU A 350 1.42 -21.40 25.41
CA LEU A 350 1.74 -22.03 26.70
C LEU A 350 1.11 -21.23 27.82
N ASP A 351 0.39 -21.91 28.70
CA ASP A 351 -0.26 -21.30 29.86
C ASP A 351 0.36 -21.90 31.12
N THR A 352 1.06 -21.07 31.89
CA THR A 352 1.66 -21.53 33.16
C THR A 352 0.56 -21.82 34.18
N ALA A 353 0.82 -22.73 35.11
CA ALA A 353 -0.16 -23.14 36.14
C ALA A 353 -0.51 -21.98 37.07
N GLU A 354 0.53 -21.34 37.61
CA GLU A 354 0.43 -20.19 38.51
C GLU A 354 0.60 -18.88 37.69
N PRO A 355 0.12 -17.73 38.21
CA PRO A 355 0.23 -16.47 37.48
C PRO A 355 1.65 -15.89 37.60
N VAL A 356 2.57 -16.44 36.81
CA VAL A 356 4.00 -16.08 36.81
C VAL A 356 4.60 -15.99 35.39
N ALA A 357 3.78 -15.61 34.39
CA ALA A 357 4.22 -15.51 32.98
C ALA A 357 5.29 -14.44 32.78
N ASP A 358 5.05 -13.25 33.34
CA ASP A 358 6.00 -12.11 33.28
C ASP A 358 7.36 -12.43 33.92
N ARG A 359 7.33 -13.20 35.01
CA ARG A 359 8.55 -13.66 35.71
C ARG A 359 9.34 -14.64 34.83
N VAL A 360 8.64 -15.56 34.16
CA VAL A 360 9.26 -16.56 33.26
C VAL A 360 10.01 -15.89 32.09
N VAL A 361 9.43 -14.82 31.55
CA VAL A 361 10.05 -14.06 30.45
C VAL A 361 11.31 -13.31 30.95
N LYS A 362 11.22 -12.67 32.13
CA LYS A 362 12.37 -11.95 32.72
C LYS A 362 13.50 -12.90 33.11
N LEU A 363 13.13 -14.08 33.65
CA LEU A 363 14.12 -15.13 33.98
C LEU A 363 14.79 -15.64 32.70
N ALA A 364 13.99 -15.93 31.68
CA ALA A 364 14.49 -16.38 30.36
C ALA A 364 15.42 -15.36 29.68
N GLU A 365 15.12 -14.06 29.83
CA GLU A 365 15.97 -12.97 29.30
C GLU A 365 17.34 -12.97 29.98
N ALA A 366 17.35 -13.11 31.31
CA ALA A 366 18.61 -13.21 32.09
C ALA A 366 19.42 -14.47 31.75
N ALA A 367 18.74 -15.54 31.35
CA ALA A 367 19.38 -16.79 30.91
C ALA A 367 19.67 -16.83 29.39
N GLY A 368 19.43 -15.72 28.66
CA GLY A 368 19.71 -15.60 27.23
C GLY A 368 18.70 -16.17 26.24
N VAL A 369 17.42 -16.19 26.62
CA VAL A 369 16.33 -16.71 25.78
C VAL A 369 15.23 -15.64 25.67
N SER A 370 15.19 -14.96 24.52
CA SER A 370 14.19 -13.92 24.25
C SER A 370 12.83 -14.53 23.94
N LEU A 371 11.90 -14.40 24.89
CA LEU A 371 10.53 -14.86 24.73
C LEU A 371 9.65 -13.65 24.43
N THR A 372 8.45 -13.91 23.91
CA THR A 372 7.47 -12.85 23.61
C THR A 372 7.05 -12.25 24.96
N PRO A 373 6.92 -10.90 25.05
CA PRO A 373 6.51 -10.31 26.35
C PRO A 373 5.18 -10.83 26.89
N ALA A 374 5.08 -10.96 28.21
CA ALA A 374 3.86 -11.42 28.87
C ALA A 374 2.75 -10.39 28.66
N GLY A 375 1.58 -10.85 28.23
CA GLY A 375 0.44 -9.98 27.92
C GLY A 375 0.31 -9.56 26.47
N ALA A 376 1.27 -9.95 25.62
CA ALA A 376 1.21 -9.64 24.16
C ALA A 376 0.00 -10.27 23.46
N THR A 377 -0.41 -11.45 23.91
CA THR A 377 -1.57 -12.15 23.36
C THR A 377 -2.95 -11.56 23.73
N TYR A 378 -2.99 -10.57 24.63
CA TYR A 378 -4.20 -9.82 25.00
C TYR A 378 -4.00 -8.36 24.60
N PRO A 379 -5.08 -7.53 24.60
CA PRO A 379 -4.90 -6.08 24.34
C PRO A 379 -4.01 -5.40 25.39
N ALA A 380 -3.42 -4.27 25.01
CA ALA A 380 -2.48 -3.50 25.86
C ALA A 380 -3.00 -3.25 27.28
N GLY A 381 -2.34 -3.86 28.27
CA GLY A 381 -2.72 -3.73 29.68
C GLY A 381 -4.03 -4.38 30.10
N GLN A 382 -4.47 -5.42 29.38
CA GLN A 382 -5.75 -6.11 29.65
C GLN A 382 -5.59 -7.64 29.67
N ASP A 383 -4.60 -8.11 30.43
CA ASP A 383 -4.32 -9.55 30.62
C ASP A 383 -4.71 -9.87 32.07
N PRO A 384 -5.91 -10.48 32.27
CA PRO A 384 -6.37 -10.77 33.65
C PRO A 384 -5.77 -12.00 34.34
N HIS A 385 -4.93 -12.79 33.65
CA HIS A 385 -4.38 -14.04 34.20
C HIS A 385 -2.87 -14.02 34.52
N ASN A 386 -2.05 -13.45 33.63
CA ASN A 386 -0.57 -13.46 33.73
C ASN A 386 -0.04 -14.92 33.62
N ARG A 387 -0.64 -15.67 32.69
CA ARG A 387 -0.32 -17.08 32.44
C ARG A 387 0.12 -17.37 31.00
N ASN A 388 -0.52 -16.73 30.01
CA ASN A 388 -0.24 -16.98 28.60
C ASN A 388 1.13 -16.43 28.12
N LEU A 389 1.80 -17.22 27.28
CA LEU A 389 3.08 -16.85 26.64
C LEU A 389 3.09 -17.45 25.24
N ARG A 390 3.29 -16.61 24.22
CA ARG A 390 3.35 -17.05 22.82
C ARG A 390 4.78 -17.51 22.51
N LEU A 391 4.90 -18.68 21.90
CA LEU A 391 6.17 -19.28 21.50
C LEU A 391 6.18 -19.40 19.96
N ALA A 392 7.25 -18.88 19.34
CA ALA A 392 7.44 -18.91 17.88
C ALA A 392 8.60 -19.87 17.54
N PRO A 393 8.30 -21.15 17.23
CA PRO A 393 9.34 -22.14 16.95
C PRO A 393 9.89 -22.26 15.51
N THR A 394 9.31 -21.56 14.54
CA THR A 394 9.70 -21.73 13.13
C THR A 394 11.08 -21.19 12.69
N ARG A 395 11.52 -20.07 13.27
CA ARG A 395 12.77 -19.40 12.85
C ARG A 395 14.09 -20.15 13.12
N PRO A 396 14.45 -20.40 14.40
CA PRO A 396 15.75 -21.01 14.68
C PRO A 396 15.82 -22.52 14.37
N PRO A 397 17.05 -23.10 14.31
CA PRO A 397 17.18 -24.54 14.05
C PRO A 397 16.62 -25.40 15.20
N VAL A 398 16.34 -26.67 14.90
CA VAL A 398 15.76 -27.61 15.87
C VAL A 398 16.66 -27.81 17.12
N GLU A 399 17.99 -27.75 16.94
CA GLU A 399 18.96 -27.88 18.05
C GLU A 399 18.81 -26.71 19.03
N GLU A 400 18.75 -25.49 18.48
CA GLU A 400 18.53 -24.27 19.27
C GLU A 400 17.12 -24.18 19.88
N VAL A 401 16.12 -24.77 19.22
CA VAL A 401 14.74 -24.83 19.75
C VAL A 401 14.69 -25.64 21.04
N ARG A 402 15.36 -26.80 21.08
CA ARG A 402 15.40 -27.64 22.29
C ARG A 402 16.08 -26.89 23.44
N THR A 403 17.28 -26.37 23.19
CA THR A 403 18.05 -25.61 24.19
C THR A 403 17.26 -24.41 24.73
N ALA A 404 16.58 -23.69 23.84
CA ALA A 404 15.73 -22.55 24.21
C ALA A 404 14.55 -22.97 25.09
N MSE A 405 13.90 -24.07 24.72
CA MSE A 405 12.78 -24.62 25.51
C MSE A 405 13.23 -25.29 26.82
O MSE A 405 12.46 -25.32 27.78
CB MSE A 405 11.89 -25.56 24.68
CG MSE A 405 11.15 -24.86 23.55
SE MSE A 405 10.11 -23.32 24.12
CE MSE A 405 9.00 -24.18 25.44
N GLN A 406 14.46 -25.84 26.84
CA GLN A 406 15.06 -26.39 28.07
C GLN A 406 15.27 -25.26 29.11
N VAL A 407 15.70 -24.09 28.63
CA VAL A 407 15.88 -22.90 29.48
C VAL A 407 14.51 -22.39 29.95
N VAL A 408 13.55 -22.28 29.01
CA VAL A 408 12.16 -21.86 29.31
C VAL A 408 11.50 -22.82 30.32
N ALA A 409 11.71 -24.13 30.12
CA ALA A 409 11.21 -25.16 31.05
C ALA A 409 11.78 -24.95 32.47
N ALA A 410 13.08 -24.65 32.56
CA ALA A 410 13.74 -24.35 33.83
C ALA A 410 13.21 -23.05 34.46
N CYS A 411 12.92 -22.04 33.63
CA CYS A 411 12.34 -20.77 34.09
C CYS A 411 10.93 -20.93 34.68
N ILE A 412 10.11 -21.79 34.06
CA ILE A 412 8.75 -22.09 34.55
C ILE A 412 8.79 -22.78 35.92
N ARG A 413 9.70 -23.74 36.09
CA ARG A 413 9.87 -24.45 37.38
C ARG A 413 10.38 -23.53 38.49
N LEU A 414 11.34 -22.66 38.17
CA LEU A 414 11.88 -21.68 39.13
C LEU A 414 10.78 -20.68 39.53
N ALA A 415 10.08 -20.14 38.53
CA ALA A 415 8.97 -19.19 38.75
C ALA A 415 7.80 -19.80 39.54
N THR A 416 7.54 -21.09 39.32
CA THR A 416 6.47 -21.82 40.02
C THR A 416 6.82 -22.04 41.50
N GLU A 417 8.04 -22.52 41.77
CA GLU A 417 8.52 -22.76 43.15
C GLU A 417 8.66 -21.46 43.97
N GLU A 418 8.99 -20.35 43.32
CA GLU A 418 9.06 -19.03 43.97
C GLU A 418 7.68 -18.56 44.44
N TYR A 419 6.68 -18.68 43.55
CA TYR A 419 5.29 -18.28 43.84
C TYR A 419 4.72 -19.07 45.02
N ARG A 420 4.84 -20.41 44.97
CA ARG A 420 4.37 -21.31 46.03
C ARG A 420 5.06 -21.05 47.38
N ALA A 421 6.35 -20.69 47.32
CA ALA A 421 7.16 -20.38 48.50
C ALA A 421 7.05 -18.92 48.98
N GLY A 422 6.12 -18.12 48.44
CA GLY A 422 5.91 -16.73 48.86
C GLY A 422 6.81 -15.65 48.27
N HIS A 423 7.80 -16.04 47.46
CA HIS A 423 8.69 -15.10 46.75
C HIS A 423 8.03 -14.74 45.40
N GLU B 5 -15.73 38.98 -37.99
CA GLU B 5 -15.21 37.77 -37.31
C GLU B 5 -15.98 36.50 -37.74
N ALA B 6 -17.32 36.59 -37.77
CA ALA B 6 -18.20 35.48 -38.21
C ALA B 6 -18.08 35.31 -39.73
N SER B 7 -17.63 34.13 -40.17
CA SER B 7 -17.41 33.83 -41.59
C SER B 7 -18.07 32.50 -41.99
N ARG B 8 -18.97 32.53 -42.97
CA ARG B 8 -19.62 31.32 -43.47
C ARG B 8 -18.68 30.43 -44.34
N PRO B 9 -17.91 31.02 -45.28
CA PRO B 9 -16.92 30.21 -46.04
C PRO B 9 -15.91 29.45 -45.16
N ALA B 10 -15.41 30.10 -44.10
CA ALA B 10 -14.48 29.47 -43.15
C ALA B 10 -15.14 28.32 -42.39
N LEU B 11 -16.43 28.47 -42.06
CA LEU B 11 -17.23 27.40 -41.43
C LEU B 11 -17.38 26.21 -42.39
N ASP B 12 -17.61 26.50 -43.68
CA ASP B 12 -17.71 25.44 -44.71
C ASP B 12 -16.36 24.74 -44.93
N LEU B 13 -15.27 25.52 -45.02
CA LEU B 13 -13.91 24.96 -45.17
C LEU B 13 -13.51 24.13 -43.96
N ALA B 14 -13.89 24.57 -42.75
CA ALA B 14 -13.62 23.84 -41.51
C ALA B 14 -14.42 22.52 -41.44
N ARG B 15 -15.68 22.56 -41.90
CA ARG B 15 -16.55 21.38 -41.96
C ARG B 15 -16.02 20.32 -42.92
N GLN B 16 -15.71 20.74 -44.14
CA GLN B 16 -15.14 19.83 -45.17
C GLN B 16 -13.83 19.18 -44.70
N ALA B 17 -12.96 20.00 -44.10
CA ALA B 17 -11.69 19.53 -43.54
C ALA B 17 -11.92 18.48 -42.46
N TYR B 18 -12.91 18.72 -41.60
CA TYR B 18 -13.32 17.78 -40.55
C TYR B 18 -13.90 16.49 -41.13
N GLU B 19 -14.75 16.61 -42.17
CA GLU B 19 -15.35 15.44 -42.87
CA GLU B 19 -15.34 15.43 -42.84
C GLU B 19 -14.26 14.52 -43.44
N ALA B 20 -13.21 15.13 -44.01
CA ALA B 20 -12.08 14.38 -44.60
C ALA B 20 -11.35 13.53 -43.55
N PHE B 21 -11.10 14.10 -42.37
CA PHE B 21 -10.46 13.38 -41.26
C PHE B 21 -11.35 12.29 -40.67
N LYS B 22 -12.64 12.61 -40.46
CA LYS B 22 -13.64 11.65 -39.95
C LYS B 22 -13.76 10.43 -40.87
N ALA B 23 -13.72 10.68 -42.19
CA ALA B 23 -13.78 9.61 -43.22
C ALA B 23 -12.64 8.58 -43.17
N ARG B 24 -11.52 8.90 -42.51
CA ARG B 24 -10.39 7.97 -42.35
C ARG B 24 -10.69 6.77 -41.45
N GLY B 25 -11.66 6.91 -40.54
CA GLY B 25 -12.05 5.84 -39.60
C GLY B 25 -10.94 5.51 -38.64
N LEU B 26 -10.32 6.55 -38.07
CA LEU B 26 -9.18 6.40 -37.16
C LEU B 26 -9.60 5.83 -35.80
N ASN B 27 -8.59 5.47 -35.01
CA ASN B 27 -8.77 4.97 -33.65
C ASN B 27 -7.50 5.27 -32.82
N LEU B 28 -7.19 6.56 -32.72
CA LEU B 28 -6.02 7.07 -31.99
C LEU B 28 -6.44 7.58 -30.61
N ASN B 29 -5.43 7.80 -29.76
CA ASN B 29 -5.62 8.23 -28.37
C ASN B 29 -4.51 9.20 -27.93
N MSE B 30 -4.90 10.32 -27.31
CA MSE B 30 -3.99 11.38 -26.82
C MSE B 30 -4.25 11.80 -25.34
O MSE B 30 -3.98 12.94 -24.96
CB MSE B 30 -4.09 12.60 -27.75
CG MSE B 30 -3.51 12.38 -29.16
SE MSE B 30 -1.56 12.14 -29.22
CE MSE B 30 -1.01 13.74 -28.28
N GLN B 31 -4.78 10.87 -24.52
CA GLN B 31 -5.02 11.09 -23.08
C GLN B 31 -4.25 10.15 -22.14
N ARG B 32 -3.69 9.07 -22.67
CA ARG B 32 -2.96 8.08 -21.88
C ARG B 32 -1.60 8.63 -21.44
N GLY B 33 -1.45 8.92 -20.14
CA GLY B 33 -0.18 9.38 -19.57
C GLY B 33 0.64 8.15 -19.22
N GLN B 34 1.10 7.46 -20.26
CA GLN B 34 1.84 6.20 -20.15
C GLN B 34 3.08 6.23 -21.04
N PRO B 35 4.20 5.60 -20.61
CA PRO B 35 5.34 5.49 -21.53
C PRO B 35 5.04 4.52 -22.70
N ALA B 36 5.88 4.54 -23.73
CA ALA B 36 5.76 3.66 -24.89
C ALA B 36 6.37 2.28 -24.57
N ASP B 37 6.21 1.32 -25.47
CA ASP B 37 6.83 -0.02 -25.32
C ASP B 37 8.35 0.12 -25.29
N ALA B 38 8.89 1.00 -26.16
CA ALA B 38 10.33 1.30 -26.20
C ALA B 38 10.89 1.82 -24.87
N ASP B 39 10.07 2.56 -24.10
CA ASP B 39 10.45 3.06 -22.76
C ASP B 39 10.58 1.90 -21.79
N PHE B 40 9.59 1.02 -21.78
CA PHE B 40 9.59 -0.16 -20.89
C PHE B 40 10.72 -1.14 -21.23
N ASP B 41 11.06 -1.27 -22.52
CA ASP B 41 12.16 -2.14 -23.00
C ASP B 41 13.50 -1.81 -22.32
N LEU B 42 13.76 -0.51 -22.09
CA LEU B 42 14.99 -0.04 -21.43
C LEU B 42 15.20 -0.61 -20.02
N SER B 43 14.11 -0.91 -19.32
CA SER B 43 14.15 -1.43 -17.94
C SER B 43 13.93 -2.94 -17.76
N ASN B 44 14.01 -3.73 -18.84
CA ASN B 44 13.85 -5.21 -18.76
C ASN B 44 14.88 -5.94 -17.90
N GLY B 45 16.07 -5.36 -17.73
CA GLY B 45 17.10 -5.91 -16.84
C GLY B 45 16.65 -6.01 -15.39
N LEU B 46 15.76 -5.10 -14.97
CA LEU B 46 15.15 -5.06 -13.63
C LEU B 46 14.44 -6.36 -13.24
N LEU B 47 13.78 -7.02 -14.20
CA LEU B 47 13.06 -8.29 -13.98
C LEU B 47 13.93 -9.46 -13.50
N THR B 48 15.21 -9.46 -13.91
CA THR B 48 16.17 -10.53 -13.59
C THR B 48 17.45 -10.04 -12.89
N VAL B 49 17.46 -8.81 -12.37
CA VAL B 49 18.66 -8.21 -11.73
C VAL B 49 19.11 -8.92 -10.44
N LEU B 50 18.15 -9.33 -9.59
CA LEU B 50 18.43 -10.10 -8.36
C LEU B 50 18.22 -11.60 -8.61
N GLY B 51 18.95 -12.43 -7.87
CA GLY B 51 18.83 -13.89 -7.94
C GLY B 51 19.12 -14.54 -6.59
N ALA B 52 19.42 -15.84 -6.61
CA ALA B 52 19.75 -16.62 -5.41
C ALA B 52 21.01 -16.12 -4.67
N GLU B 53 21.93 -15.49 -5.41
CA GLU B 53 23.18 -14.95 -4.87
C GLU B 53 23.02 -13.53 -4.27
N ASP B 54 22.06 -12.75 -4.78
CA ASP B 54 21.84 -11.34 -4.37
C ASP B 54 20.71 -11.14 -3.32
N VAL B 55 20.45 -12.18 -2.53
CA VAL B 55 19.37 -12.17 -1.53
C VAL B 55 19.63 -11.25 -0.31
N ARG B 56 20.90 -11.00 0.02
CA ARG B 56 21.28 -10.15 1.15
C ARG B 56 21.84 -8.75 0.77
N MSE B 57 21.21 -7.70 1.32
CA MSE B 57 21.64 -6.30 1.20
C MSE B 57 21.54 -5.62 2.57
O MSE B 57 20.62 -5.91 3.34
CB MSE B 57 20.78 -5.49 0.23
CG MSE B 57 21.11 -5.63 -1.24
SE MSE B 57 20.36 -4.11 -2.24
CE MSE B 57 21.60 -2.79 -1.68
N ASP B 58 22.49 -4.72 2.85
CA ASP B 58 22.48 -3.89 4.08
C ASP B 58 22.39 -4.70 5.39
N GLY B 59 23.04 -5.86 5.41
CA GLY B 59 22.99 -6.78 6.55
C GLY B 59 21.61 -7.40 6.83
N LEU B 60 20.74 -7.43 5.81
CA LEU B 60 19.36 -7.94 5.91
C LEU B 60 19.05 -8.94 4.82
N ASP B 61 18.28 -9.98 5.17
CA ASP B 61 17.78 -10.95 4.21
C ASP B 61 16.57 -10.23 3.60
N LEU B 62 16.62 -9.99 2.28
CA LEU B 62 15.52 -9.31 1.55
C LEU B 62 14.19 -10.10 1.56
N ARG B 63 14.25 -11.42 1.75
CA ARG B 63 13.10 -12.33 1.76
C ARG B 63 12.38 -12.44 3.11
N ASN B 64 12.98 -11.91 4.19
CA ASN B 64 12.44 -11.99 5.56
C ASN B 64 11.91 -10.63 6.05
N TYR B 65 11.07 -10.66 7.09
CA TYR B 65 10.43 -9.44 7.68
C TYR B 65 11.32 -8.28 8.19
N PRO B 66 12.41 -8.58 8.97
CA PRO B 66 13.25 -7.52 9.55
C PRO B 66 13.80 -6.51 8.53
N GLY B 67 13.87 -5.25 8.94
CA GLY B 67 14.35 -4.16 8.08
C GLY B 67 13.84 -2.77 8.42
N GLY B 68 12.61 -2.69 8.95
CA GLY B 68 11.98 -1.43 9.32
C GLY B 68 10.94 -1.02 8.28
N VAL B 69 9.95 -0.26 8.74
CA VAL B 69 8.85 0.23 7.89
C VAL B 69 9.30 1.29 6.86
N ALA B 70 10.47 1.89 7.09
CA ALA B 70 11.04 2.91 6.22
C ALA B 70 11.67 2.43 4.88
N GLY B 71 11.90 1.11 4.74
CA GLY B 71 12.49 0.50 3.52
C GLY B 71 13.96 0.14 3.69
N LEU B 72 14.60 -0.33 2.61
CA LEU B 72 16.04 -0.69 2.62
C LEU B 72 16.93 0.54 2.84
N PRO B 73 17.99 0.42 3.66
CA PRO B 73 18.99 1.51 3.80
C PRO B 73 19.60 1.99 2.47
N SER B 74 19.90 1.07 1.55
CA SER B 74 20.41 1.43 0.21
C SER B 74 19.36 2.14 -0.65
N ALA B 75 18.09 1.72 -0.52
CA ALA B 75 16.96 2.38 -1.20
C ALA B 75 16.78 3.79 -0.65
N ARG B 76 16.77 3.90 0.68
CA ARG B 76 16.73 5.21 1.38
C ARG B 76 17.93 6.09 1.01
N ALA B 77 19.11 5.46 0.82
CA ALA B 77 20.33 6.17 0.42
C ALA B 77 20.27 6.65 -1.05
N LEU B 78 19.83 5.78 -1.96
CA LEU B 78 19.74 6.10 -3.40
C LEU B 78 18.78 7.25 -3.68
N PHE B 79 17.55 7.11 -3.16
CA PHE B 79 16.52 8.15 -3.32
C PHE B 79 16.74 9.40 -2.43
N ALA B 80 17.71 9.34 -1.50
CA ALA B 80 18.15 10.52 -0.74
C ALA B 80 18.85 11.46 -1.72
N GLY B 81 19.76 10.90 -2.53
CA GLY B 81 20.45 11.64 -3.60
C GLY B 81 19.50 12.14 -4.69
N TYR B 82 18.43 11.39 -4.95
CA TYR B 82 17.38 11.77 -5.92
C TYR B 82 16.70 13.07 -5.47
N LEU B 83 16.23 13.09 -4.22
CA LEU B 83 15.54 14.25 -3.63
C LEU B 83 16.46 15.29 -2.92
N ASP B 84 17.79 15.14 -3.08
CA ASP B 84 18.81 16.06 -2.51
C ASP B 84 18.76 16.17 -0.97
N VAL B 85 18.56 15.04 -0.29
CA VAL B 85 18.51 14.95 1.18
C VAL B 85 19.38 13.76 1.66
N LYS B 86 19.35 13.50 2.96
CA LYS B 86 20.10 12.39 3.58
C LYS B 86 19.19 11.15 3.69
N ALA B 87 19.78 10.00 4.02
CA ALA B 87 19.03 8.72 4.14
C ALA B 87 17.90 8.80 5.18
N GLU B 88 18.22 9.38 6.34
CA GLU B 88 17.25 9.62 7.44
C GLU B 88 15.96 10.40 7.08
N ASN B 89 16.03 11.22 6.02
CA ASN B 89 14.89 12.02 5.52
C ASN B 89 13.91 11.29 4.59
N VAL B 90 14.39 10.24 3.89
CA VAL B 90 13.62 9.52 2.86
C VAL B 90 12.99 8.22 3.34
N LEU B 91 11.74 7.97 2.92
CA LEU B 91 11.01 6.72 3.20
C LEU B 91 10.53 6.15 1.85
N VAL B 92 10.86 4.89 1.58
CA VAL B 92 10.48 4.18 0.35
C VAL B 92 9.42 3.14 0.68
N TRP B 93 8.31 3.14 -0.07
CA TRP B 93 7.17 2.23 0.15
C TRP B 93 7.05 1.22 -1.02
N ASN B 94 5.86 1.04 -1.64
CA ASN B 94 5.65 0.03 -2.70
C ASN B 94 5.48 0.69 -4.09
N ASN B 95 4.61 0.18 -4.97
CA ASN B 95 4.52 0.63 -6.36
C ASN B 95 3.90 2.00 -6.67
N SER B 96 3.34 2.71 -5.68
CA SER B 96 2.60 3.95 -5.95
C SER B 96 2.93 5.17 -5.08
N SER B 97 3.32 6.27 -5.73
CA SER B 97 3.54 7.56 -5.06
C SER B 97 2.22 8.17 -4.59
N LEU B 98 1.18 8.04 -5.42
CA LEU B 98 -0.19 8.51 -5.09
C LEU B 98 -0.74 7.78 -3.85
N GLU B 99 -0.43 6.49 -3.71
CA GLU B 99 -0.81 5.68 -2.52
C GLU B 99 -0.17 6.25 -1.26
N LEU B 100 1.13 6.54 -1.34
CA LEU B 100 1.86 7.12 -0.20
C LEU B 100 1.31 8.52 0.15
N GLN B 101 0.86 9.29 -0.86
CA GLN B 101 0.21 10.59 -0.63
C GLN B 101 -1.13 10.38 0.09
N GLY B 102 -1.92 9.43 -0.41
CA GLY B 102 -3.20 9.04 0.20
C GLY B 102 -3.05 8.50 1.62
N LEU B 103 -1.95 7.78 1.89
CA LEU B 103 -1.64 7.27 3.23
C LEU B 103 -1.29 8.42 4.19
N VAL B 104 -0.36 9.28 3.79
CA VAL B 104 0.07 10.46 4.59
C VAL B 104 -1.10 11.41 4.88
N LEU B 105 -1.88 11.73 3.85
CA LEU B 105 -3.09 12.59 3.98
C LEU B 105 -4.15 11.95 4.89
N THR B 106 -4.30 10.63 4.82
CA THR B 106 -5.25 9.88 5.68
C THR B 106 -4.79 9.89 7.16
N PHE B 107 -3.47 9.75 7.38
CA PHE B 107 -2.90 9.81 8.75
C PHE B 107 -3.06 11.21 9.34
N ALA B 108 -2.93 12.25 8.50
CA ALA B 108 -3.15 13.64 8.90
C ALA B 108 -4.62 13.85 9.31
N LEU B 109 -5.55 13.26 8.55
CA LEU B 109 -6.99 13.33 8.86
C LEU B 109 -7.36 12.57 10.13
N LEU B 110 -6.88 11.33 10.25
CA LEU B 110 -7.17 10.48 11.43
C LEU B 110 -6.47 10.91 12.72
N HIS B 111 -5.18 11.24 12.61
CA HIS B 111 -4.32 11.54 13.79
C HIS B 111 -3.73 12.95 13.90
N GLY B 112 -3.67 13.70 12.79
CA GLY B 112 -3.03 15.03 12.76
C GLY B 112 -1.55 14.86 12.51
N VAL B 113 -0.92 15.79 11.79
CA VAL B 113 0.54 15.72 11.54
C VAL B 113 1.31 16.11 12.80
N ARG B 114 2.65 16.00 12.73
CA ARG B 114 3.57 16.26 13.86
C ARG B 114 3.27 17.47 14.78
N GLY B 115 3.19 18.67 14.20
CA GLY B 115 2.93 19.92 14.95
C GLY B 115 1.47 20.35 15.11
N SER B 116 0.54 19.40 14.99
CA SER B 116 -0.91 19.68 15.05
C SER B 116 -1.46 19.67 16.48
N THR B 117 -2.63 20.31 16.65
CA THR B 117 -3.37 20.36 17.92
C THR B 117 -4.65 19.51 17.86
N GLY B 118 -4.71 18.58 16.89
CA GLY B 118 -5.86 17.70 16.70
C GLY B 118 -5.89 17.06 15.31
N PRO B 119 -6.81 16.11 15.09
CA PRO B 119 -6.93 15.52 13.76
C PRO B 119 -7.51 16.52 12.75
N TRP B 120 -6.99 16.49 11.53
CA TRP B 120 -7.47 17.35 10.43
C TRP B 120 -8.94 17.10 10.06
N LEU B 121 -9.39 15.84 10.18
CA LEU B 121 -10.77 15.42 9.85
C LEU B 121 -11.88 16.16 10.60
N SER B 122 -11.62 16.49 11.87
CA SER B 122 -12.58 17.23 12.71
C SER B 122 -12.53 18.77 12.57
N GLN B 123 -11.63 19.30 11.74
CA GLN B 123 -11.39 20.76 11.61
C GLN B 123 -11.90 21.41 10.30
N THR B 124 -12.79 20.74 9.56
CA THR B 124 -13.34 21.20 8.26
C THR B 124 -12.18 21.57 7.32
N PRO B 125 -11.33 20.57 6.98
CA PRO B 125 -10.08 20.87 6.30
C PRO B 125 -10.15 21.31 4.84
N LYS B 126 -9.43 22.37 4.51
CA LYS B 126 -9.28 22.90 3.16
C LYS B 126 -7.87 22.55 2.70
N MSE B 127 -7.72 22.24 1.41
CA MSE B 127 -6.43 21.96 0.78
C MSE B 127 -6.31 22.85 -0.45
O MSE B 127 -7.20 22.85 -1.30
CB MSE B 127 -6.34 20.48 0.37
CG MSE B 127 -5.00 20.02 -0.21
SE MSE B 127 -3.44 20.22 0.94
CE MSE B 127 -4.11 19.42 2.56
N ILE B 128 -5.22 23.63 -0.53
CA ILE B 128 -4.99 24.50 -1.69
C ILE B 128 -4.48 23.62 -2.84
N VAL B 129 -5.05 23.81 -4.02
CA VAL B 129 -4.65 23.09 -5.23
C VAL B 129 -4.37 24.10 -6.35
N THR B 130 -3.62 23.66 -7.37
CA THR B 130 -3.22 24.51 -8.49
C THR B 130 -4.01 24.15 -9.75
N VAL B 131 -4.55 25.16 -10.44
CA VAL B 131 -5.34 24.98 -11.68
C VAL B 131 -4.69 25.73 -12.86
N PRO B 132 -4.57 25.10 -14.06
CA PRO B 132 -4.94 23.71 -14.40
C PRO B 132 -3.98 22.73 -13.70
N GLY B 133 -4.54 21.70 -13.07
CA GLY B 133 -3.78 20.69 -12.32
C GLY B 133 -4.09 19.26 -12.72
N TYR B 134 -3.73 18.33 -11.83
CA TYR B 134 -3.89 16.88 -12.05
C TYR B 134 -5.24 16.40 -11.53
N ASP B 135 -5.98 15.68 -12.38
CA ASP B 135 -7.31 15.15 -12.03
C ASP B 135 -7.33 14.19 -10.83
N ARG B 136 -6.32 13.31 -10.74
CA ARG B 136 -6.24 12.32 -9.64
C ARG B 136 -5.96 12.96 -8.27
N HIS B 137 -5.28 14.11 -8.25
CA HIS B 137 -5.04 14.87 -7.00
C HIS B 137 -6.36 15.41 -6.40
N PHE B 138 -7.23 15.93 -7.26
CA PHE B 138 -8.52 16.49 -6.83
C PHE B 138 -9.44 15.37 -6.33
N LEU B 139 -9.49 14.28 -7.08
CA LEU B 139 -10.27 13.08 -6.72
C LEU B 139 -9.82 12.49 -5.38
N LEU B 140 -8.50 12.41 -5.18
CA LEU B 140 -7.91 11.90 -3.94
C LEU B 140 -8.28 12.78 -2.74
N LEU B 141 -8.07 14.08 -2.87
CA LEU B 141 -8.35 15.04 -1.80
C LEU B 141 -9.85 15.10 -1.44
N GLN B 142 -10.71 15.18 -2.46
CA GLN B 142 -12.17 15.19 -2.26
C GLN B 142 -12.73 13.87 -1.70
N THR B 143 -12.08 12.73 -2.02
CA THR B 143 -12.45 11.42 -1.49
C THR B 143 -12.18 11.38 0.02
N LEU B 144 -10.99 11.83 0.42
CA LEU B 144 -10.59 11.87 1.85
C LEU B 144 -11.30 12.95 2.71
N GLY B 145 -12.05 13.87 2.08
CA GLY B 145 -12.84 14.89 2.78
C GLY B 145 -12.26 16.29 2.86
N PHE B 146 -11.41 16.65 1.90
CA PHE B 146 -10.81 17.99 1.81
C PHE B 146 -11.61 18.85 0.84
N GLU B 147 -11.90 20.09 1.24
CA GLU B 147 -12.52 21.07 0.35
C GLU B 147 -11.35 21.69 -0.43
N LEU B 148 -11.49 21.79 -1.76
CA LEU B 148 -10.43 22.33 -2.62
C LEU B 148 -10.60 23.84 -2.86
N LEU B 149 -9.53 24.59 -2.61
CA LEU B 149 -9.44 26.02 -2.89
C LEU B 149 -8.40 26.15 -3.99
N THR B 150 -8.83 26.56 -5.19
CA THR B 150 -7.93 26.64 -6.35
C THR B 150 -7.11 27.94 -6.41
N VAL B 151 -5.87 27.81 -6.91
CA VAL B 151 -4.98 28.94 -7.21
C VAL B 151 -4.50 28.75 -8.66
N ASP B 152 -4.26 29.84 -9.37
CA ASP B 152 -3.82 29.75 -10.77
C ASP B 152 -2.34 29.37 -10.89
N MSE B 153 -2.03 28.49 -11.85
CA MSE B 153 -0.64 28.14 -12.17
C MSE B 153 -0.12 29.24 -13.09
O MSE B 153 -0.71 29.49 -14.13
CB MSE B 153 -0.51 26.81 -12.92
CG MSE B 153 -0.45 25.57 -12.07
SE MSE B 153 1.08 25.51 -10.85
CE MSE B 153 2.54 25.85 -12.02
N GLN B 154 0.98 29.87 -12.67
CA GLN B 154 1.66 30.88 -13.48
C GLN B 154 2.84 30.17 -14.14
N SER B 155 3.52 30.86 -15.06
CA SER B 155 4.63 30.28 -15.85
C SER B 155 5.82 29.71 -15.06
N ASP B 156 6.12 30.31 -13.90
CA ASP B 156 7.26 29.93 -13.04
C ASP B 156 6.87 29.34 -11.67
N GLY B 157 5.70 28.68 -11.62
CA GLY B 157 5.14 28.07 -10.40
C GLY B 157 3.75 28.61 -10.09
N PRO B 158 3.14 28.20 -8.95
CA PRO B 158 1.81 28.70 -8.59
C PRO B 158 1.75 30.18 -8.23
N ASP B 159 0.52 30.71 -8.12
CA ASP B 159 0.29 32.11 -7.71
C ASP B 159 0.46 32.12 -6.19
N VAL B 160 1.70 32.37 -5.76
CA VAL B 160 2.04 32.37 -4.32
C VAL B 160 1.32 33.50 -3.55
N ASP B 161 1.03 34.62 -4.20
CA ASP B 161 0.24 35.73 -3.61
C ASP B 161 -1.12 35.19 -3.13
N ALA B 162 -1.80 34.46 -4.02
CA ALA B 162 -3.09 33.82 -3.73
C ALA B 162 -2.97 32.76 -2.63
N VAL B 163 -1.85 32.01 -2.59
CA VAL B 163 -1.60 30.99 -1.56
C VAL B 163 -1.44 31.63 -0.17
N GLU B 164 -0.69 32.76 -0.09
CA GLU B 164 -0.51 33.50 1.17
C GLU B 164 -1.82 34.09 1.73
N ARG B 165 -2.70 34.54 0.83
CA ARG B 165 -4.01 35.10 1.19
C ARG B 165 -4.95 34.02 1.78
N LEU B 166 -5.03 32.88 1.09
CA LEU B 166 -5.86 31.74 1.52
C LEU B 166 -5.36 31.08 2.82
N ALA B 167 -4.03 30.93 2.95
CA ALA B 167 -3.40 30.29 4.11
C ALA B 167 -3.20 31.23 5.33
N GLY B 168 -3.15 32.53 5.10
CA GLY B 168 -2.88 33.50 6.15
C GLY B 168 -3.91 33.71 7.25
N THR B 169 -5.19 33.75 6.90
CA THR B 169 -6.27 34.05 7.85
C THR B 169 -6.93 32.83 8.50
N ASP B 170 -7.37 31.87 7.67
CA ASP B 170 -8.13 30.70 8.14
C ASP B 170 -7.24 29.49 8.54
N PRO B 171 -7.30 29.03 9.82
CA PRO B 171 -6.51 27.84 10.25
C PRO B 171 -6.92 26.50 9.60
N SER B 172 -8.13 26.40 9.04
CA SER B 172 -8.60 25.18 8.37
C SER B 172 -7.89 24.91 7.02
N VAL B 173 -7.24 25.94 6.44
CA VAL B 173 -6.45 25.77 5.21
C VAL B 173 -5.16 25.08 5.67
N LYS B 174 -5.17 23.74 5.61
CA LYS B 174 -4.05 22.90 6.10
C LYS B 174 -2.84 22.73 5.18
N GLY B 175 -2.92 23.14 3.92
CA GLY B 175 -1.77 22.99 3.04
C GLY B 175 -1.96 23.27 1.57
N ILE B 176 -0.91 22.94 0.81
CA ILE B 176 -0.88 23.02 -0.65
C ILE B 176 -0.38 21.68 -1.20
N LEU B 177 -1.03 21.19 -2.27
CA LEU B 177 -0.63 19.97 -2.97
C LEU B 177 -0.47 20.32 -4.46
N PHE B 178 0.76 20.27 -4.94
CA PHE B 178 1.10 20.59 -6.34
C PHE B 178 2.35 19.85 -6.82
N VAL B 179 2.63 19.99 -8.13
CA VAL B 179 3.78 19.38 -8.78
C VAL B 179 4.84 20.48 -9.06
N PRO B 180 5.97 20.49 -8.31
CA PRO B 180 6.98 21.55 -8.45
C PRO B 180 7.93 21.53 -9.66
N THR B 181 8.13 20.39 -10.31
CA THR B 181 9.03 20.27 -11.48
C THR B 181 8.26 19.67 -12.66
N TYR B 182 8.15 20.42 -13.77
CA TYR B 182 7.42 20.00 -14.98
C TYR B 182 5.97 19.57 -14.63
N SER B 183 5.22 20.52 -14.09
CA SER B 183 3.84 20.31 -13.60
C SER B 183 2.87 19.68 -14.58
N ASN B 184 1.86 18.99 -14.05
CA ASN B 184 0.80 18.34 -14.83
C ASN B 184 -0.41 19.27 -14.85
N PRO B 185 -0.87 19.73 -16.05
CA PRO B 185 -0.41 19.53 -17.43
C PRO B 185 0.50 20.61 -18.05
N GLY B 186 0.61 21.78 -17.44
CA GLY B 186 1.35 22.92 -18.01
C GLY B 186 2.87 22.86 -18.14
N GLY B 187 3.50 21.92 -17.43
CA GLY B 187 4.95 21.76 -17.46
C GLY B 187 5.76 22.87 -16.79
N GLU B 188 5.12 23.64 -15.90
CA GLU B 188 5.78 24.75 -15.24
C GLU B 188 6.58 24.24 -14.06
N THR B 189 7.83 24.69 -13.95
CA THR B 189 8.71 24.34 -12.82
C THR B 189 8.69 25.54 -11.86
N ILE B 190 8.56 25.27 -10.57
CA ILE B 190 8.51 26.35 -9.55
C ILE B 190 9.88 27.03 -9.44
N SER B 191 9.87 28.37 -9.38
CA SER B 191 11.09 29.17 -9.25
C SER B 191 11.62 29.09 -7.83
N LEU B 192 12.90 29.40 -7.66
CA LEU B 192 13.54 29.40 -6.34
C LEU B 192 12.90 30.46 -5.43
N GLU B 193 12.66 31.66 -5.97
CA GLU B 193 12.01 32.78 -5.25
C GLU B 193 10.62 32.39 -4.72
N LYS B 194 9.83 31.70 -5.54
CA LYS B 194 8.50 31.20 -5.13
C LYS B 194 8.60 30.01 -4.16
N ALA B 195 9.57 29.11 -4.38
CA ALA B 195 9.80 27.94 -3.50
C ALA B 195 10.21 28.36 -2.09
N ARG B 196 11.14 29.32 -2.00
CA ARG B 196 11.58 29.91 -0.71
C ARG B 196 10.43 30.64 -0.01
N ARG B 197 9.63 31.36 -0.80
CA ARG B 197 8.46 32.10 -0.31
C ARG B 197 7.31 31.17 0.14
N LEU B 198 7.14 30.04 -0.54
CA LEU B 198 6.19 28.98 -0.10
C LEU B 198 6.68 28.32 1.19
N ALA B 199 7.97 27.98 1.22
CA ALA B 199 8.60 27.32 2.39
C ALA B 199 8.53 28.09 3.71
N GLY B 200 8.45 29.43 3.65
CA GLY B 200 8.39 30.29 4.84
C GLY B 200 7.29 31.33 4.93
N LEU B 201 6.13 31.08 4.32
CA LEU B 201 4.98 32.02 4.38
C LEU B 201 4.29 32.01 5.74
N GLN B 202 3.62 33.12 6.09
CA GLN B 202 2.87 33.23 7.35
C GLN B 202 1.52 32.54 7.17
N ALA B 203 1.41 31.30 7.64
CA ALA B 203 0.17 30.50 7.58
C ALA B 203 -0.56 30.56 8.93
N ALA B 204 -1.89 30.55 8.87
CA ALA B 204 -2.73 30.59 10.09
C ALA B 204 -2.57 29.29 10.89
N ALA B 205 -2.65 28.15 10.20
CA ALA B 205 -2.46 26.84 10.82
C ALA B 205 -0.97 26.63 11.10
N PRO B 206 -0.61 26.24 12.36
CA PRO B 206 0.81 25.98 12.68
C PRO B 206 1.34 24.67 12.05
N ASP B 207 0.40 23.80 11.65
CA ASP B 207 0.67 22.53 10.95
C ASP B 207 0.44 22.65 9.42
N PHE B 208 0.68 23.84 8.85
CA PHE B 208 0.53 24.07 7.40
C PHE B 208 1.60 23.24 6.69
N THR B 209 1.17 22.36 5.79
CA THR B 209 2.05 21.40 5.11
C THR B 209 2.10 21.62 3.59
N ILE B 210 3.27 21.37 2.99
CA ILE B 210 3.47 21.43 1.54
C ILE B 210 3.59 19.98 1.06
N PHE B 211 2.65 19.54 0.23
CA PHE B 211 2.64 18.19 -0.35
C PHE B 211 3.16 18.32 -1.79
N ALA B 212 4.48 18.40 -1.91
CA ALA B 212 5.15 18.55 -3.22
C ALA B 212 5.22 17.22 -3.96
N ASP B 213 4.27 16.97 -4.87
CA ASP B 213 4.28 15.75 -5.68
C ASP B 213 5.30 15.95 -6.80
N ASP B 214 6.56 15.69 -6.49
CA ASP B 214 7.67 15.88 -7.44
C ASP B 214 7.80 14.62 -8.33
N ALA B 215 6.77 14.39 -9.16
CA ALA B 215 6.68 13.22 -10.04
C ALA B 215 7.57 13.26 -11.26
N TYR B 216 8.06 14.45 -11.64
CA TYR B 216 8.92 14.63 -12.83
C TYR B 216 10.20 15.42 -12.48
N ARG B 217 10.90 15.01 -11.43
CA ARG B 217 12.13 15.71 -10.98
C ARG B 217 13.29 15.58 -11.97
N VAL B 218 13.59 14.36 -12.37
CA VAL B 218 14.69 14.05 -13.32
C VAL B 218 14.21 13.70 -14.74
N HIS B 219 12.92 13.92 -15.02
CA HIS B 219 12.28 13.53 -16.30
C HIS B 219 12.46 14.63 -17.36
N HIS B 220 13.71 14.81 -17.79
CA HIS B 220 14.09 15.87 -18.76
C HIS B 220 13.95 15.42 -20.23
N LEU B 221 13.40 16.29 -21.06
CA LEU B 221 13.28 16.09 -22.52
C LEU B 221 14.35 16.89 -23.27
N VAL B 222 14.65 18.12 -22.82
CA VAL B 222 15.74 18.94 -23.39
C VAL B 222 17.06 18.47 -22.76
N GLU B 223 18.17 18.57 -23.51
CA GLU B 223 19.47 18.05 -23.05
C GLU B 223 20.34 19.01 -22.22
N GLU B 224 20.34 20.30 -22.57
CA GLU B 224 21.13 21.32 -21.87
C GLU B 224 20.31 22.28 -21.00
N ASP B 225 19.51 23.15 -21.63
CA ASP B 225 18.72 24.15 -20.91
C ASP B 225 17.53 23.52 -20.12
N ARG B 226 17.86 22.85 -19.02
CA ARG B 226 16.91 22.12 -18.16
C ARG B 226 16.40 22.95 -16.98
N ALA B 227 15.33 22.45 -16.36
CA ALA B 227 14.76 23.05 -15.16
C ALA B 227 15.56 22.55 -13.96
N GLU B 228 15.84 23.44 -13.00
CA GLU B 228 16.59 23.11 -11.77
C GLU B 228 15.58 22.93 -10.64
N PRO B 229 15.38 21.68 -10.15
CA PRO B 229 14.41 21.49 -9.04
C PRO B 229 14.86 22.07 -7.69
N VAL B 230 13.90 22.63 -6.94
CA VAL B 230 14.14 23.18 -5.59
C VAL B 230 14.08 22.05 -4.55
N ASN B 231 14.49 22.36 -3.33
CA ASN B 231 14.54 21.38 -2.23
C ASN B 231 13.72 21.90 -1.03
N PHE B 232 12.45 21.51 -0.98
CA PHE B 232 11.53 21.97 0.07
C PHE B 232 11.91 21.52 1.48
N VAL B 233 12.52 20.34 1.60
CA VAL B 233 13.01 19.83 2.89
C VAL B 233 14.08 20.78 3.46
N VAL B 234 15.02 21.21 2.61
CA VAL B 234 16.07 22.15 2.99
C VAL B 234 15.54 23.59 3.14
N LEU B 235 14.69 24.03 2.20
CA LEU B 235 14.09 25.39 2.23
C LEU B 235 13.16 25.60 3.44
N ALA B 236 12.35 24.58 3.76
CA ALA B 236 11.46 24.63 4.93
C ALA B 236 12.25 24.70 6.23
N ARG B 237 13.32 23.90 6.33
CA ARG B 237 14.21 23.86 7.51
C ARG B 237 14.88 25.22 7.74
N ASP B 238 15.47 25.78 6.68
CA ASP B 238 16.11 27.10 6.72
C ASP B 238 15.10 28.23 7.02
N ALA B 239 13.86 28.08 6.55
CA ALA B 239 12.77 29.04 6.83
C ALA B 239 12.23 28.98 8.27
N GLY B 240 12.56 27.93 9.02
CA GLY B 240 12.11 27.76 10.42
C GLY B 240 10.94 26.80 10.62
N TYR B 241 10.47 26.19 9.53
CA TYR B 241 9.37 25.22 9.54
C TYR B 241 9.91 23.89 8.98
N PRO B 242 10.76 23.17 9.77
CA PRO B 242 11.35 21.91 9.29
C PRO B 242 10.36 20.80 8.91
N ASP B 243 9.20 20.75 9.56
CA ASP B 243 8.16 19.72 9.31
C ASP B 243 7.15 20.05 8.21
N ARG B 244 7.28 21.20 7.55
CA ARG B 244 6.33 21.65 6.52
C ARG B 244 6.31 20.84 5.22
N ALA B 245 7.48 20.46 4.71
CA ALA B 245 7.61 19.79 3.41
C ALA B 245 7.54 18.26 3.40
N PHE B 246 6.65 17.73 2.56
CA PHE B 246 6.58 16.31 2.21
C PHE B 246 6.80 16.29 0.70
N VAL B 247 7.98 15.86 0.27
CA VAL B 247 8.36 15.81 -1.16
C VAL B 247 8.19 14.38 -1.68
N PHE B 248 7.08 14.11 -2.37
CA PHE B 248 6.79 12.78 -2.94
C PHE B 248 7.42 12.63 -4.32
N ALA B 249 7.84 11.40 -4.65
CA ALA B 249 8.45 11.08 -5.95
C ALA B 249 8.15 9.64 -6.35
N SER B 250 8.39 9.32 -7.64
CA SER B 250 8.04 8.03 -8.24
C SER B 250 9.04 7.52 -9.25
N THR B 251 9.02 6.20 -9.47
CA THR B 251 9.86 5.50 -10.47
C THR B 251 8.97 4.91 -11.60
N SER B 252 7.68 5.26 -11.64
CA SER B 252 6.72 4.74 -12.64
C SER B 252 7.09 5.04 -14.09
N LYS B 253 7.59 6.26 -14.32
CA LYS B 253 8.05 6.70 -15.65
C LYS B 253 9.58 6.64 -15.82
N ILE B 254 10.25 5.89 -14.94
CA ILE B 254 11.70 5.64 -14.94
C ILE B 254 11.92 4.14 -15.24
N THR B 255 11.34 3.28 -14.40
CA THR B 255 11.41 1.81 -14.58
C THR B 255 10.10 1.30 -15.23
N PHE B 256 9.14 0.80 -14.43
CA PHE B 256 7.86 0.29 -14.95
C PHE B 256 6.67 1.06 -14.35
N ALA B 257 5.70 1.43 -15.18
CA ALA B 257 4.48 2.14 -14.77
C ALA B 257 3.56 1.15 -14.05
N GLY B 258 3.35 1.37 -12.74
CA GLY B 258 2.56 0.47 -11.91
C GLY B 258 3.38 -0.63 -11.21
N ALA B 259 4.64 -0.82 -11.60
CA ALA B 259 5.56 -1.79 -10.97
C ALA B 259 6.93 -1.13 -10.67
N GLY B 260 6.85 0.11 -10.17
CA GLY B 260 8.01 0.92 -9.81
C GLY B 260 8.10 1.08 -8.30
N LEU B 261 8.48 2.27 -7.85
CA LEU B 261 8.66 2.58 -6.43
C LEU B 261 8.16 3.98 -6.10
N GLY B 262 7.22 4.06 -5.14
CA GLY B 262 6.70 5.32 -4.61
C GLY B 262 7.54 5.61 -3.37
N PHE B 263 7.85 6.89 -3.15
CA PHE B 263 8.65 7.31 -1.99
C PHE B 263 8.45 8.79 -1.65
N VAL B 264 8.84 9.15 -0.43
CA VAL B 264 8.68 10.51 0.09
C VAL B 264 9.89 10.96 0.91
N ALA B 265 10.21 12.25 0.82
CA ALA B 265 11.28 12.88 1.59
C ALA B 265 10.62 13.91 2.52
N SER B 266 11.10 13.97 3.76
CA SER B 266 10.62 14.96 4.74
C SER B 266 11.61 15.04 5.91
N SER B 267 11.31 15.83 6.93
CA SER B 267 12.15 15.91 8.13
C SER B 267 12.21 14.56 8.83
N GLU B 268 13.34 14.27 9.49
CA GLU B 268 13.54 12.99 10.23
C GLU B 268 12.41 12.74 11.22
N ASP B 269 11.92 13.82 11.86
CA ASP B 269 10.81 13.74 12.81
C ASP B 269 9.50 13.35 12.11
N ASN B 270 9.25 13.89 10.92
CA ASN B 270 8.06 13.51 10.10
C ASN B 270 8.13 12.05 9.62
N ILE B 271 9.34 11.54 9.33
CA ILE B 271 9.53 10.14 8.94
C ILE B 271 9.21 9.21 10.11
N ARG B 272 9.58 9.60 11.33
CA ARG B 272 9.22 8.84 12.55
C ARG B 272 7.69 8.82 12.73
N TRP B 273 7.06 9.99 12.54
CA TRP B 273 5.59 10.12 12.60
C TRP B 273 4.91 9.20 11.59
N LEU B 274 5.37 9.27 10.32
CA LEU B 274 4.84 8.44 9.22
C LEU B 274 5.12 6.95 9.44
N SER B 275 6.32 6.63 9.94
CA SER B 275 6.74 5.26 10.27
C SER B 275 5.86 4.58 11.34
N LYS B 276 5.36 5.37 12.30
CA LYS B 276 4.47 4.87 13.35
C LYS B 276 3.15 4.35 12.78
N TYR B 277 2.49 5.17 11.97
CA TYR B 277 1.18 4.82 11.40
C TYR B 277 1.24 3.79 10.27
N LEU B 278 2.34 3.80 9.50
CA LEU B 278 2.58 2.73 8.50
C LEU B 278 2.84 1.43 9.26
N GLY B 279 3.69 1.51 10.30
CA GLY B 279 4.02 0.39 11.19
C GLY B 279 2.85 -0.27 11.89
N ALA B 280 1.83 0.54 12.22
CA ALA B 280 0.60 0.06 12.87
C ALA B 280 -0.23 -0.84 11.95
N GLN B 281 -0.14 -0.63 10.62
CA GLN B 281 -0.86 -1.43 9.61
C GLN B 281 0.04 -2.25 8.66
N SER B 282 1.35 -2.29 8.88
CA SER B 282 2.26 -3.07 8.01
C SER B 282 3.61 -3.38 8.68
N ILE B 283 4.13 -4.59 8.44
CA ILE B 283 5.44 -4.99 8.96
C ILE B 283 6.56 -4.24 8.21
N GLY B 284 6.33 -3.98 6.92
CA GLY B 284 7.26 -3.23 6.07
C GLY B 284 6.94 -3.33 4.59
N PRO B 285 7.63 -2.52 3.75
CA PRO B 285 7.41 -2.52 2.31
C PRO B 285 8.14 -3.67 1.59
N ASN B 286 7.84 -3.85 0.30
CA ASN B 286 8.47 -4.89 -0.53
C ASN B 286 9.98 -4.57 -0.66
N LYS B 287 10.75 -5.25 0.17
CA LYS B 287 12.18 -5.04 0.30
C LYS B 287 12.95 -5.59 -0.90
N VAL B 288 12.43 -6.65 -1.53
CA VAL B 288 13.03 -7.25 -2.74
C VAL B 288 12.90 -6.31 -3.94
N GLU B 289 11.74 -5.67 -4.10
CA GLU B 289 11.51 -4.68 -5.19
C GLU B 289 12.42 -3.45 -5.08
N GLN B 290 12.64 -2.98 -3.86
CA GLN B 290 13.54 -1.85 -3.60
C GLN B 290 14.99 -2.22 -3.96
N ALA B 291 15.40 -3.45 -3.62
CA ALA B 291 16.75 -3.96 -3.95
C ALA B 291 16.99 -4.09 -5.47
N ARG B 292 15.95 -4.47 -6.22
CA ARG B 292 16.03 -4.56 -7.70
C ARG B 292 16.29 -3.19 -8.33
N HIS B 293 15.55 -2.18 -7.87
CA HIS B 293 15.72 -0.81 -8.35
C HIS B 293 17.08 -0.22 -7.98
N VAL B 294 17.57 -0.50 -6.77
CA VAL B 294 18.89 -0.03 -6.31
C VAL B 294 20.01 -0.64 -7.17
N LYS B 295 19.97 -1.96 -7.35
CA LYS B 295 20.99 -2.68 -8.15
C LYS B 295 20.95 -2.29 -9.63
N PHE B 296 19.75 -2.21 -10.20
CA PHE B 296 19.56 -1.86 -11.62
C PHE B 296 19.98 -0.44 -11.97
N LEU B 297 19.46 0.54 -11.22
CA LEU B 297 19.75 1.97 -11.45
C LEU B 297 21.23 2.35 -11.20
N THR B 298 21.88 1.66 -10.26
CA THR B 298 23.31 1.87 -9.99
C THR B 298 24.14 1.25 -11.12
N GLU B 299 23.76 0.05 -11.58
CA GLU B 299 24.45 -0.65 -12.69
C GLU B 299 24.09 -0.19 -14.12
N TYR B 300 23.13 0.73 -14.28
CA TYR B 300 22.71 1.20 -15.62
C TYR B 300 23.77 2.12 -16.25
N PRO B 301 24.03 2.01 -17.58
CA PRO B 301 25.04 2.89 -18.22
C PRO B 301 24.67 4.38 -18.12
N GLY B 302 25.58 5.16 -17.53
CA GLY B 302 25.37 6.59 -17.28
C GLY B 302 24.48 6.90 -16.08
N GLY B 303 24.22 5.91 -15.23
CA GLY B 303 23.39 6.07 -14.04
C GLY B 303 21.92 6.36 -14.34
N LEU B 304 21.26 7.05 -13.40
CA LEU B 304 19.86 7.45 -13.54
C LEU B 304 19.69 8.45 -14.70
N GLU B 305 20.58 9.44 -14.78
CA GLU B 305 20.56 10.45 -15.88
C GLU B 305 20.65 9.79 -17.27
N GLY B 306 21.44 8.71 -17.37
CA GLY B 306 21.58 7.93 -18.60
C GLY B 306 20.29 7.30 -19.08
N LEU B 307 19.51 6.75 -18.14
CA LEU B 307 18.20 6.14 -18.44
C LEU B 307 17.17 7.20 -18.86
N MSE B 308 17.15 8.35 -18.17
CA MSE B 308 16.22 9.46 -18.48
C MSE B 308 16.52 10.10 -19.84
O MSE B 308 15.62 10.62 -20.51
CB MSE B 308 16.23 10.56 -17.42
CG MSE B 308 15.93 10.11 -15.98
SE MSE B 308 14.38 8.99 -15.80
CE MSE B 308 15.15 7.36 -16.09
N ARG B 309 17.80 10.06 -20.23
CA ARG B 309 18.25 10.54 -21.53
C ARG B 309 17.77 9.57 -22.62
N ASP B 310 17.85 8.25 -22.33
CA ASP B 310 17.35 7.19 -23.24
C ASP B 310 15.82 7.26 -23.42
N HIS B 311 15.10 7.64 -22.36
CA HIS B 311 13.66 7.90 -22.44
C HIS B 311 13.39 9.15 -23.29
N ALA B 312 14.18 10.22 -23.06
CA ALA B 312 14.07 11.48 -23.82
C ALA B 312 14.21 11.32 -25.33
N ALA B 313 15.14 10.45 -25.76
CA ALA B 313 15.33 10.14 -27.19
C ALA B 313 14.07 9.54 -27.86
N ILE B 314 13.26 8.81 -27.06
CA ILE B 314 11.99 8.23 -27.52
C ILE B 314 10.84 9.21 -27.33
N ILE B 315 10.78 9.87 -26.17
CA ILE B 315 9.69 10.79 -25.79
C ILE B 315 9.74 12.18 -26.46
N ALA B 316 10.90 12.83 -26.42
CA ALA B 316 11.07 14.21 -26.96
C ALA B 316 10.57 14.45 -28.40
N PRO B 317 10.86 13.53 -29.36
CA PRO B 317 10.32 13.64 -30.73
C PRO B 317 8.76 13.68 -30.83
N LYS B 318 8.08 13.06 -29.87
CA LYS B 318 6.61 13.06 -29.81
C LYS B 318 6.06 14.45 -29.38
N PHE B 319 6.77 15.11 -28.46
CA PHE B 319 6.44 16.49 -28.01
C PHE B 319 6.62 17.51 -29.15
N ARG B 320 7.73 17.42 -29.87
CA ARG B 320 7.98 18.27 -31.04
C ARG B 320 6.97 18.00 -32.17
N ALA B 321 6.53 16.74 -32.29
CA ALA B 321 5.49 16.35 -33.25
C ALA B 321 4.17 17.07 -32.97
N VAL B 322 3.83 17.26 -31.70
CA VAL B 322 2.63 18.00 -31.29
C VAL B 322 2.81 19.50 -31.62
N ASP B 323 3.99 20.05 -31.36
CA ASP B 323 4.29 21.46 -31.64
C ASP B 323 4.24 21.77 -33.15
N GLU B 324 4.97 20.98 -33.95
CA GLU B 324 5.08 21.16 -35.41
C GLU B 324 3.75 21.13 -36.19
N VAL B 325 2.90 20.15 -35.88
CA VAL B 325 1.59 19.99 -36.52
C VAL B 325 0.61 21.09 -36.09
N LEU B 326 0.52 21.30 -34.78
CA LEU B 326 -0.40 22.27 -34.17
C LEU B 326 -0.05 23.72 -34.56
N ARG B 327 1.24 24.00 -34.71
CA ARG B 327 1.72 25.32 -35.15
C ARG B 327 1.47 25.54 -36.65
N ALA B 328 1.70 24.51 -37.46
CA ALA B 328 1.48 24.58 -38.91
C ALA B 328 0.00 24.71 -39.32
N GLU B 329 -0.91 24.12 -38.53
CA GLU B 329 -2.36 24.16 -38.80
C GLU B 329 -3.14 25.30 -38.10
N LEU B 330 -2.66 25.76 -36.94
CA LEU B 330 -3.30 26.86 -36.19
C LEU B 330 -2.52 28.20 -36.20
N GLY B 331 -1.27 28.19 -36.64
CA GLY B 331 -0.44 29.39 -36.66
C GLY B 331 0.19 29.72 -35.31
N GLU B 332 1.09 30.71 -35.34
CA GLU B 332 1.83 31.19 -34.16
C GLU B 332 1.19 32.40 -33.45
N GLY B 333 0.25 33.07 -34.11
CA GLY B 333 -0.44 34.23 -33.53
C GLY B 333 -1.43 33.96 -32.41
N GLY B 334 -1.84 32.70 -32.24
CA GLY B 334 -2.81 32.30 -31.21
C GLY B 334 -4.25 32.65 -31.56
N GLU B 335 -4.60 32.51 -32.84
CA GLU B 335 -5.95 32.82 -33.34
CA GLU B 335 -5.94 32.81 -33.34
C GLU B 335 -6.96 31.78 -32.86
N TYR B 336 -6.61 30.50 -33.01
CA TYR B 336 -7.46 29.36 -32.62
C TYR B 336 -7.11 28.78 -31.26
N ALA B 337 -5.82 28.75 -30.91
CA ALA B 337 -5.36 28.24 -29.62
C ALA B 337 -3.90 28.58 -29.28
N THR B 338 -3.60 28.58 -27.98
CA THR B 338 -2.22 28.73 -27.46
C THR B 338 -1.90 27.40 -26.77
N TRP B 339 -0.61 27.08 -26.64
CA TRP B 339 -0.18 25.82 -25.99
C TRP B 339 1.26 25.88 -25.46
N THR B 340 1.54 25.06 -24.45
CA THR B 340 2.87 24.99 -23.82
C THR B 340 3.86 24.16 -24.65
N LEU B 341 5.14 24.47 -24.52
CA LEU B 341 6.24 23.74 -25.16
C LEU B 341 7.21 23.40 -24.01
N PRO B 342 6.80 22.46 -23.12
CA PRO B 342 7.59 22.16 -21.94
C PRO B 342 8.89 21.44 -22.22
N LYS B 343 9.87 21.67 -21.35
CA LYS B 343 11.22 21.10 -21.47
C LYS B 343 11.38 19.76 -20.71
N GLY B 344 10.28 19.27 -20.12
CA GLY B 344 10.24 17.99 -19.40
C GLY B 344 8.82 17.54 -19.09
N GLY B 345 8.69 16.44 -18.36
CA GLY B 345 7.38 15.91 -17.99
C GLY B 345 6.68 15.11 -19.08
N TYR B 346 5.43 14.73 -18.80
CA TYR B 346 4.60 13.85 -19.67
C TYR B 346 3.40 14.49 -20.39
N PHE B 347 3.15 15.79 -20.20
CA PHE B 347 1.96 16.45 -20.78
C PHE B 347 2.20 17.79 -21.48
N ILE B 348 1.22 18.18 -22.30
CA ILE B 348 1.17 19.47 -23.01
C ILE B 348 -0.21 20.07 -22.71
N SER B 349 -0.22 21.33 -22.25
CA SER B 349 -1.46 22.06 -21.90
C SER B 349 -1.82 22.97 -23.07
N LEU B 350 -2.99 22.73 -23.67
CA LEU B 350 -3.51 23.51 -24.80
C LEU B 350 -4.75 24.27 -24.36
N ASP B 351 -4.73 25.59 -24.56
CA ASP B 351 -5.86 26.47 -24.25
C ASP B 351 -6.45 26.96 -25.57
N THR B 352 -7.71 26.61 -25.83
CA THR B 352 -8.39 27.07 -27.05
C THR B 352 -8.71 28.56 -26.86
N ALA B 353 -8.68 29.33 -27.94
CA ALA B 353 -8.92 30.79 -27.90
C ALA B 353 -10.33 31.13 -27.41
N GLU B 354 -11.32 30.46 -27.99
CA GLU B 354 -12.74 30.62 -27.64
C GLU B 354 -13.17 29.51 -26.67
N PRO B 355 -14.28 29.69 -25.91
CA PRO B 355 -14.70 28.67 -24.94
C PRO B 355 -15.43 27.51 -25.66
N VAL B 356 -14.61 26.66 -26.29
CA VAL B 356 -15.07 25.52 -27.11
C VAL B 356 -14.29 24.22 -26.84
N ALA B 357 -13.70 24.10 -25.63
CA ALA B 357 -12.87 22.92 -25.25
C ALA B 357 -13.66 21.62 -25.25
N ASP B 358 -14.84 21.64 -24.63
CA ASP B 358 -15.75 20.48 -24.60
C ASP B 358 -16.23 20.06 -26.00
N ARG B 359 -16.43 21.04 -26.89
CA ARG B 359 -16.82 20.79 -28.30
C ARG B 359 -15.69 20.12 -29.08
N VAL B 360 -14.43 20.52 -28.81
CA VAL B 360 -13.26 19.93 -29.47
C VAL B 360 -13.10 18.44 -29.15
N VAL B 361 -13.36 18.06 -27.90
CA VAL B 361 -13.28 16.65 -27.45
C VAL B 361 -14.38 15.80 -28.09
N LYS B 362 -15.61 16.33 -28.13
CA LYS B 362 -16.76 15.64 -28.76
C LYS B 362 -16.55 15.48 -30.27
N LEU B 363 -16.02 16.52 -30.92
CA LEU B 363 -15.68 16.48 -32.36
C LEU B 363 -14.55 15.47 -32.63
N ALA B 364 -13.50 15.53 -31.81
CA ALA B 364 -12.34 14.62 -31.90
C ALA B 364 -12.74 13.15 -31.74
N GLU B 365 -13.65 12.87 -30.80
CA GLU B 365 -14.17 11.51 -30.55
C GLU B 365 -14.84 10.93 -31.80
N ALA B 366 -15.72 11.71 -32.42
CA ALA B 366 -16.39 11.32 -33.66
C ALA B 366 -15.41 11.08 -34.83
N ALA B 367 -14.27 11.79 -34.82
CA ALA B 367 -13.21 11.62 -35.84
C ALA B 367 -12.28 10.42 -35.55
N GLY B 368 -12.34 9.87 -34.33
CA GLY B 368 -11.51 8.73 -33.91
C GLY B 368 -10.23 9.08 -33.15
N VAL B 369 -10.30 10.16 -32.36
CA VAL B 369 -9.17 10.66 -31.55
C VAL B 369 -9.67 10.88 -30.13
N SER B 370 -9.21 10.03 -29.19
CA SER B 370 -9.60 10.14 -27.78
C SER B 370 -8.74 11.18 -27.09
N LEU B 371 -9.39 12.26 -26.62
CA LEU B 371 -8.74 13.34 -25.87
C LEU B 371 -9.25 13.30 -24.43
N THR B 372 -8.48 13.91 -23.52
CA THR B 372 -8.86 13.99 -22.11
C THR B 372 -10.13 14.85 -22.03
N PRO B 373 -11.16 14.44 -21.25
CA PRO B 373 -12.38 15.24 -21.17
C PRO B 373 -12.16 16.69 -20.76
N ALA B 374 -12.96 17.61 -21.31
CA ALA B 374 -12.87 19.04 -20.95
C ALA B 374 -13.30 19.20 -19.50
N GLY B 375 -12.55 19.99 -18.73
CA GLY B 375 -12.79 20.16 -17.29
C GLY B 375 -12.03 19.19 -16.40
N ALA B 376 -11.23 18.29 -16.98
CA ALA B 376 -10.43 17.32 -16.22
C ALA B 376 -9.29 17.98 -15.43
N THR B 377 -8.67 19.00 -16.02
CA THR B 377 -7.57 19.74 -15.37
C THR B 377 -8.00 20.67 -14.20
N TYR B 378 -9.31 20.87 -14.01
CA TYR B 378 -9.88 21.63 -12.88
C TYR B 378 -10.67 20.64 -11.99
N PRO B 379 -11.02 21.04 -10.74
CA PRO B 379 -11.88 20.19 -9.90
C PRO B 379 -13.25 19.95 -10.54
N ALA B 380 -13.82 18.76 -10.33
CA ALA B 380 -15.10 18.34 -10.95
C ALA B 380 -16.19 19.40 -10.93
N GLY B 381 -16.63 19.84 -12.11
CA GLY B 381 -17.66 20.87 -12.26
C GLY B 381 -17.24 22.29 -11.86
N GLN B 382 -15.93 22.58 -11.89
CA GLN B 382 -15.38 23.90 -11.51
C GLN B 382 -14.33 24.41 -12.52
N ASP B 383 -14.64 24.30 -13.82
CA ASP B 383 -13.81 24.82 -14.92
C ASP B 383 -14.54 26.08 -15.37
N PRO B 384 -14.07 27.28 -14.96
CA PRO B 384 -14.77 28.51 -15.34
C PRO B 384 -14.60 29.00 -16.79
N HIS B 385 -13.62 28.46 -17.53
CA HIS B 385 -13.29 28.94 -18.89
C HIS B 385 -13.74 28.07 -20.06
N ASN B 386 -13.68 26.74 -19.91
CA ASN B 386 -14.00 25.76 -21.00
C ASN B 386 -13.02 25.96 -22.19
N ARG B 387 -11.74 26.08 -21.84
CA ARG B 387 -10.64 26.29 -22.81
C ARG B 387 -9.50 25.28 -22.70
N ASN B 388 -9.11 24.90 -21.49
CA ASN B 388 -7.99 23.97 -21.27
C ASN B 388 -8.27 22.52 -21.68
N LEU B 389 -7.28 21.90 -22.33
CA LEU B 389 -7.29 20.49 -22.76
C LEU B 389 -5.91 19.89 -22.47
N ARG B 390 -5.88 18.73 -21.81
CA ARG B 390 -4.63 18.02 -21.53
C ARG B 390 -4.35 17.07 -22.70
N LEU B 391 -3.08 17.04 -23.12
CA LEU B 391 -2.61 16.17 -24.20
C LEU B 391 -1.44 15.34 -23.66
N ALA B 392 -1.52 14.02 -23.83
CA ALA B 392 -0.50 13.06 -23.37
C ALA B 392 0.18 12.43 -24.59
N PRO B 393 1.24 13.09 -25.13
CA PRO B 393 1.92 12.58 -26.33
C PRO B 393 2.93 11.44 -26.16
N THR B 394 3.22 11.00 -24.93
CA THR B 394 4.28 10.00 -24.68
C THR B 394 4.02 8.57 -25.19
N ARG B 395 2.76 8.12 -25.13
CA ARG B 395 2.42 6.71 -25.46
C ARG B 395 2.56 6.27 -26.94
N PRO B 396 1.75 6.84 -27.86
CA PRO B 396 1.79 6.36 -29.25
C PRO B 396 3.05 6.78 -30.03
N PRO B 397 3.28 6.19 -31.24
CA PRO B 397 4.45 6.59 -32.05
C PRO B 397 4.33 8.01 -32.62
N VAL B 398 5.44 8.51 -33.16
CA VAL B 398 5.51 9.87 -33.75
C VAL B 398 4.52 10.07 -34.93
N GLU B 399 4.27 9.01 -35.70
CA GLU B 399 3.35 9.03 -36.86
C GLU B 399 1.90 9.23 -36.39
N GLU B 400 1.48 8.45 -35.40
CA GLU B 400 0.11 8.55 -34.83
C GLU B 400 -0.16 9.87 -34.09
N VAL B 401 0.87 10.42 -33.44
CA VAL B 401 0.76 11.71 -32.74
C VAL B 401 0.49 12.83 -33.76
N ARG B 402 1.25 12.85 -34.86
CA ARG B 402 1.05 13.82 -35.95
C ARG B 402 -0.39 13.76 -36.46
N THR B 403 -0.83 12.58 -36.88
CA THR B 403 -2.20 12.34 -37.37
C THR B 403 -3.26 12.79 -36.37
N ALA B 404 -3.09 12.39 -35.10
CA ALA B 404 -4.00 12.77 -34.01
C ALA B 404 -4.12 14.28 -33.83
N MSE B 405 -2.97 14.97 -33.85
CA MSE B 405 -2.93 16.44 -33.71
C MSE B 405 -3.43 17.21 -34.94
O MSE B 405 -3.83 18.37 -34.79
CB MSE B 405 -1.55 16.92 -33.29
CG MSE B 405 -1.10 16.40 -31.93
SE MSE B 405 -2.34 16.74 -30.50
CE MSE B 405 -2.37 18.64 -30.59
N GLN B 406 -3.37 16.60 -36.13
CA GLN B 406 -3.97 17.17 -37.34
C GLN B 406 -5.50 17.13 -37.21
N VAL B 407 -6.00 16.02 -36.64
CA VAL B 407 -7.44 15.83 -36.38
C VAL B 407 -7.89 16.80 -35.27
N VAL B 408 -7.08 16.94 -34.21
CA VAL B 408 -7.36 17.90 -33.11
C VAL B 408 -7.33 19.35 -33.62
N ALA B 409 -6.34 19.68 -34.45
CA ALA B 409 -6.21 21.03 -35.07
C ALA B 409 -7.45 21.37 -35.91
N ALA B 410 -7.91 20.41 -36.71
CA ALA B 410 -9.13 20.56 -37.54
C ALA B 410 -10.38 20.75 -36.68
N CYS B 411 -10.45 20.07 -35.52
CA CYS B 411 -11.56 20.21 -34.58
C CYS B 411 -11.59 21.60 -33.92
N ILE B 412 -10.41 22.12 -33.55
CA ILE B 412 -10.29 23.47 -32.95
C ILE B 412 -10.76 24.55 -33.93
N ARG B 413 -10.39 24.42 -35.21
CA ARG B 413 -10.83 25.36 -36.25
C ARG B 413 -12.35 25.27 -36.50
N LEU B 414 -12.88 24.04 -36.55
CA LEU B 414 -14.33 23.82 -36.72
C LEU B 414 -15.08 24.36 -35.49
N ALA B 415 -14.58 24.05 -34.29
CA ALA B 415 -15.18 24.54 -33.03
C ALA B 415 -15.15 26.08 -32.93
N THR B 416 -14.06 26.69 -33.41
CA THR B 416 -13.88 28.16 -33.38
C THR B 416 -14.81 28.90 -34.35
N GLU B 417 -14.93 28.40 -35.59
CA GLU B 417 -15.83 29.02 -36.60
C GLU B 417 -17.31 28.89 -36.24
N GLU B 418 -17.67 27.79 -35.55
CA GLU B 418 -19.03 27.58 -35.05
C GLU B 418 -19.40 28.65 -34.01
N TYR B 419 -18.51 28.84 -33.03
CA TYR B 419 -18.69 29.85 -31.96
C TYR B 419 -18.84 31.26 -32.54
N ARG B 420 -17.90 31.64 -33.42
CA ARG B 420 -17.89 32.97 -34.09
C ARG B 420 -19.15 33.24 -34.91
N ALA B 421 -19.64 32.19 -35.59
CA ALA B 421 -20.87 32.26 -36.41
C ALA B 421 -22.18 31.98 -35.65
N GLY B 422 -22.15 31.92 -34.32
CA GLY B 422 -23.36 31.66 -33.51
C GLY B 422 -23.84 30.23 -33.33
N HIS B 423 -23.14 29.26 -33.94
CA HIS B 423 -23.46 27.82 -33.81
C HIS B 423 -22.76 27.24 -32.58
P PO4 C . 1.46 -10.01 6.24
O1 PO4 C . 1.37 -11.04 7.34
O2 PO4 C . 1.01 -8.66 6.73
O3 PO4 C . 2.90 -9.91 5.76
O4 PO4 C . 0.58 -10.47 5.09
P PO4 D . 2.36 6.86 -9.32
O1 PO4 D . 2.39 5.99 -10.55
O2 PO4 D . 1.21 6.46 -8.43
O3 PO4 D . 3.66 6.70 -8.57
O4 PO4 D . 2.20 8.32 -9.73
#